data_4XND
#
_entry.id   4XND
#
_cell.length_a   121.120
_cell.length_b   121.120
_cell.length_c   170.781
_cell.angle_alpha   90.00
_cell.angle_beta   90.00
_cell.angle_gamma   120.00
#
_symmetry.space_group_name_H-M   'P 31 2 1'
#
loop_
_entity.id
_entity.type
_entity.pdbx_description
1 polymer 'Aminopeptidase N'
2 non-polymer 'ZINC ION'
3 non-polymer '(3S)-3-AMINO-4-(1H-INDOL-3-YL)BUTANOIC ACID'
4 non-polymer 'SODIUM ION'
5 non-polymer GLYCEROL
6 non-polymer 'MALONATE ION'
7 water water
#
_entity_poly.entity_id   1
_entity_poly.type   'polypeptide(L)'
_entity_poly.pdbx_seq_one_letter_code
;PQAKYRHDYRAPDYQITDIDLTFDLDAQKTVVTAVSQAVRHGASDAPLRLNGEDLKLVSVHINDEPWTAWKEEEGALVIS
NLPERFTLKIINEISPAANTALEGLYQSGDALCTQCEAEGFRHITYYLDRPDVLARFTTKIIADKIKYPFLLSNGNRVAQ
GELENGRHWVQWQDPFPKPCYLFALVAGDFDVLRDTFTTRSGREVALELYVDRGNLDRAPWAMTSLKNSMKWDEERFGLE
YDLDIYMIVAVDFFNMGAMENKGLNIFNSKYVLARTDTATDKDYLDIERVIGHEYFHNWTGNRVTCRDWFQLSLKEGLTV
FRDQEFSSDLGSRAVNRINNVRTMRGLQFAEDASPMAHPIRPDMVIEMNNFYTLTVYEKGAEVIRMIHTLLGEENFQKGM
QLYFERHDGSAATCDDFVQAMEDASNVDLSHFRRWYSQSGTPIVTVKDDYNPETEQYTLTISQRTPATPDQAEKQPLHIP
FAIELYDNEGKVIPLQKGGHPVNSVLNVTQAEQTFVFDNVYFQPVPALLCEFSAPVKLEYKWSDQQLTFLMRHARNDFSR
WDAAQSLLATYIKLNVARHQQGQPLSLPVHVADAFRAVLLDEKIDPALAAEILTLPSVNEMAELFDIIDPIAIAEVREAL
TRTLATELADELLAIYNANYQSEYRVEHEDIAKRTLRNACLRFLAFGETHLADVLVSKQFHEANNMTDALAALSAAVAAQ
LPCRDALMQEYDDKWHQNGLVMDKWFILQATSPAANVLETVRGLLQHRSFTMSNPNRIRSLIGAFAGSNPAAFHAEDGSG
YLFLVEMLTDLNSRNPQVASRLIEPLIRLKRYDAKRQEKMRAALEQLKGLENLSGDLYEKITKALA
;
_entity_poly.pdbx_strand_id   A
#
# COMPACT_ATOMS: atom_id res chain seq x y z
N PRO A 1 18.39 -10.62 17.75
CA PRO A 1 18.53 -9.65 16.64
C PRO A 1 18.67 -8.20 17.13
N GLN A 2 19.47 -7.43 16.41
CA GLN A 2 19.95 -6.14 16.88
C GLN A 2 19.25 -4.96 16.18
N ALA A 3 18.89 -3.95 16.94
CA ALA A 3 18.37 -2.72 16.39
C ALA A 3 19.42 -1.91 15.71
N LYS A 4 19.06 -1.29 14.59
CA LYS A 4 19.88 -0.29 13.99
C LYS A 4 19.20 1.10 14.06
N TYR A 5 20.02 2.14 14.14
CA TYR A 5 19.57 3.48 14.47
C TYR A 5 19.94 4.45 13.39
N ARG A 6 19.00 5.29 13.01
CA ARG A 6 19.24 6.23 12.00
C ARG A 6 20.41 7.18 12.31
N HIS A 7 20.50 7.63 13.57
CA HIS A 7 21.55 8.53 13.98
C HIS A 7 22.96 7.89 13.89
N ASP A 8 23.03 6.62 13.73
CA ASP A 8 24.34 5.92 13.51
C ASP A 8 24.75 5.82 12.07
N TYR A 9 24.06 6.45 11.14
CA TYR A 9 24.47 6.42 9.75
C TYR A 9 25.88 7.00 9.60
N ARG A 10 26.73 6.30 8.84
CA ARG A 10 28.01 6.88 8.40
CA ARG A 10 28.06 6.77 8.46
C ARG A 10 28.31 6.41 6.99
N ALA A 11 28.90 7.26 6.21
CA ALA A 11 29.35 6.91 4.93
C ALA A 11 30.22 5.65 4.96
N PRO A 12 30.17 4.81 3.92
CA PRO A 12 30.89 3.56 4.00
C PRO A 12 32.44 3.74 3.85
N ASP A 13 33.17 2.85 4.50
CA ASP A 13 34.63 2.81 4.38
C ASP A 13 35.12 2.40 2.97
N TYR A 14 34.30 1.69 2.21
CA TYR A 14 34.64 1.29 0.86
C TYR A 14 33.46 1.60 -0.04
N GLN A 15 33.76 1.89 -1.30
CA GLN A 15 32.73 1.93 -2.37
C GLN A 15 33.07 0.83 -3.39
N ILE A 16 32.04 0.40 -4.11
CA ILE A 16 32.16 -0.40 -5.33
C ILE A 16 31.62 0.45 -6.45
N THR A 17 32.30 0.47 -7.54
CA THR A 17 31.97 1.32 -8.70
C THR A 17 31.37 0.50 -9.80
N ASP A 18 31.74 -0.78 -9.92
CA ASP A 18 31.38 -1.61 -11.06
C ASP A 18 31.36 -3.05 -10.56
N ILE A 19 30.36 -3.80 -10.93
CA ILE A 19 30.29 -5.22 -10.56
C ILE A 19 29.89 -6.03 -11.83
N ASP A 20 30.65 -7.07 -12.11
CA ASP A 20 30.36 -8.00 -13.16
C ASP A 20 30.00 -9.35 -12.57
N LEU A 21 28.77 -9.77 -12.82
CA LEU A 21 28.18 -10.96 -12.22
C LEU A 21 28.09 -12.04 -13.28
N THR A 22 28.38 -13.27 -12.89
CA THR A 22 28.05 -14.46 -13.68
C THR A 22 27.26 -15.43 -12.84
N PHE A 23 26.18 -15.93 -13.37
CA PHE A 23 25.35 -16.88 -12.70
C PHE A 23 25.37 -18.14 -13.54
N ASP A 24 25.80 -19.25 -12.94
CA ASP A 24 25.67 -20.56 -13.57
C ASP A 24 24.42 -21.13 -12.89
N LEU A 25 23.28 -20.99 -13.54
CA LEU A 25 22.01 -21.18 -12.95
C LEU A 25 21.58 -22.64 -12.92
N ASP A 26 21.03 -23.03 -11.78
CA ASP A 26 20.42 -24.35 -11.60
C ASP A 26 19.54 -24.25 -10.34
N ALA A 27 18.34 -24.80 -10.36
CA ALA A 27 17.45 -24.63 -9.19
C ALA A 27 18.03 -25.19 -7.89
N GLN A 28 18.79 -26.26 -7.99
CA GLN A 28 19.40 -26.86 -6.77
C GLN A 28 20.67 -26.19 -6.31
N LYS A 29 21.54 -25.88 -7.24
CA LYS A 29 22.82 -25.26 -6.92
C LYS A 29 23.23 -24.26 -8.01
N THR A 30 23.17 -22.98 -7.71
CA THR A 30 23.61 -21.92 -8.55
C THR A 30 24.95 -21.44 -8.09
N VAL A 31 25.86 -21.21 -9.03
CA VAL A 31 27.16 -20.73 -8.73
C VAL A 31 27.24 -19.28 -9.21
N VAL A 32 27.56 -18.42 -8.28
CA VAL A 32 27.69 -16.99 -8.54
C VAL A 32 29.15 -16.58 -8.53
N THR A 33 29.58 -15.91 -9.58
CA THR A 33 30.89 -15.27 -9.64
C THR A 33 30.69 -13.77 -9.73
N ALA A 34 31.27 -13.03 -8.80
CA ALA A 34 31.09 -11.60 -8.73
C ALA A 34 32.43 -10.89 -8.73
N VAL A 35 32.66 -10.08 -9.73
CA VAL A 35 33.90 -9.34 -9.80
C VAL A 35 33.57 -7.88 -9.62
N SER A 36 34.03 -7.32 -8.53
CA SER A 36 33.70 -5.92 -8.11
C SER A 36 34.96 -5.04 -8.15
N GLN A 37 34.83 -3.83 -8.71
CA GLN A 37 35.89 -2.86 -8.64
C GLN A 37 35.62 -1.99 -7.46
N ALA A 38 36.57 -1.97 -6.52
CA ALA A 38 36.37 -1.33 -5.24
C ALA A 38 37.43 -0.26 -4.94
N VAL A 39 37.08 0.63 -4.04
CA VAL A 39 37.87 1.79 -3.62
C VAL A 39 37.74 1.89 -2.13
N ARG A 40 38.88 2.04 -1.40
CA ARG A 40 38.83 2.27 0.01
CA ARG A 40 38.87 2.25 0.04
C ARG A 40 38.86 3.76 0.30
N HIS A 41 37.82 4.26 0.97
CA HIS A 41 37.75 5.63 1.40
C HIS A 41 38.23 5.76 2.86
N GLY A 42 37.99 4.81 3.74
CA GLY A 42 38.45 4.95 5.11
C GLY A 42 39.91 4.61 5.35
N ALA A 43 40.24 4.34 6.60
CA ALA A 43 41.61 4.04 7.03
C ALA A 43 42.10 2.66 6.65
N SER A 44 43.41 2.45 6.56
CA SER A 44 43.91 1.14 6.08
C SER A 44 43.59 0.03 7.01
N ASP A 45 43.44 0.32 8.28
CA ASP A 45 43.05 -0.76 9.16
C ASP A 45 41.54 -1.05 9.22
N ALA A 46 40.73 -0.37 8.41
CA ALA A 46 39.28 -0.67 8.46
C ALA A 46 39.06 -1.78 7.40
N PRO A 47 38.53 -2.88 7.84
CA PRO A 47 38.45 -3.95 6.89
C PRO A 47 37.19 -3.73 6.05
N LEU A 48 37.12 -4.43 4.96
CA LEU A 48 35.93 -4.45 4.13
C LEU A 48 34.95 -5.43 4.69
N ARG A 49 33.78 -4.97 5.11
CA ARG A 49 32.75 -5.85 5.66
CA ARG A 49 32.82 -5.86 5.68
C ARG A 49 31.66 -6.09 4.68
N LEU A 50 31.58 -7.30 4.12
CA LEU A 50 30.60 -7.57 3.12
C LEU A 50 29.44 -8.32 3.76
N ASN A 51 28.21 -7.90 3.50
CA ASN A 51 27.06 -8.64 3.95
C ASN A 51 26.88 -9.91 3.13
N GLY A 52 26.49 -10.97 3.80
CA GLY A 52 26.20 -12.26 3.14
C GLY A 52 25.36 -13.14 4.05
N GLU A 53 24.28 -13.76 3.54
CA GLU A 53 23.42 -14.58 4.36
C GLU A 53 23.18 -15.85 3.61
N ASP A 54 23.38 -16.98 4.29
CA ASP A 54 23.13 -18.28 3.74
C ASP A 54 23.85 -18.50 2.43
N LEU A 55 25.14 -18.18 2.37
CA LEU A 55 25.91 -18.33 1.13
C LEU A 55 26.97 -19.39 1.39
N LYS A 56 27.35 -20.18 0.40
CA LYS A 56 28.52 -21.08 0.57
C LYS A 56 29.66 -20.45 -0.16
N LEU A 57 30.62 -19.93 0.57
CA LEU A 57 31.79 -19.31 -0.02
C LEU A 57 32.70 -20.37 -0.67
N VAL A 58 33.14 -20.12 -1.89
CA VAL A 58 34.00 -20.96 -2.65
C VAL A 58 35.41 -20.37 -2.67
N SER A 59 35.53 -19.07 -2.97
CA SER A 59 36.83 -18.49 -3.09
C SER A 59 36.77 -16.97 -3.03
N VAL A 60 37.86 -16.40 -2.53
CA VAL A 60 38.05 -14.92 -2.46
C VAL A 60 39.37 -14.59 -3.07
N HIS A 61 39.38 -13.69 -4.06
CA HIS A 61 40.60 -13.16 -4.65
C HIS A 61 40.59 -11.63 -4.62
N ILE A 62 41.77 -11.05 -4.42
CA ILE A 62 42.00 -9.63 -4.54
C ILE A 62 43.03 -9.44 -5.62
N ASN A 63 42.67 -8.73 -6.66
CA ASN A 63 43.50 -8.60 -7.87
C ASN A 63 44.04 -9.90 -8.34
N ASP A 64 43.19 -10.90 -8.41
CA ASP A 64 43.51 -12.23 -8.81
C ASP A 64 44.43 -13.00 -7.89
N GLU A 65 44.72 -12.51 -6.71
CA GLU A 65 45.47 -13.27 -5.72
C GLU A 65 44.51 -13.91 -4.72
N PRO A 66 44.63 -15.23 -4.51
CA PRO A 66 43.86 -15.89 -3.51
C PRO A 66 44.14 -15.26 -2.17
N TRP A 67 43.09 -14.83 -1.49
CA TRP A 67 43.28 -13.89 -0.33
C TRP A 67 43.21 -14.67 0.98
N THR A 68 44.24 -14.49 1.81
CA THR A 68 44.30 -15.20 3.10
C THR A 68 43.86 -14.35 4.30
N ALA A 69 43.72 -13.04 4.10
CA ALA A 69 43.41 -12.17 5.23
C ALA A 69 41.88 -11.83 5.31
N TRP A 70 41.12 -12.81 5.75
CA TRP A 70 39.70 -12.65 5.85
C TRP A 70 39.18 -13.56 6.92
N LYS A 71 37.96 -13.30 7.37
CA LYS A 71 37.21 -14.24 8.17
C LYS A 71 35.73 -14.09 7.91
N GLU A 72 34.98 -15.14 8.22
CA GLU A 72 33.55 -15.15 8.03
C GLU A 72 32.97 -15.05 9.39
N GLU A 73 32.02 -14.18 9.60
CA GLU A 73 31.29 -14.16 10.86
C GLU A 73 29.82 -14.02 10.54
N GLU A 74 28.99 -13.93 11.57
CA GLU A 74 27.57 -14.06 11.42
C GLU A 74 27.11 -12.94 10.47
N GLY A 75 26.69 -13.36 9.30
CA GLY A 75 26.15 -12.41 8.29
C GLY A 75 27.20 -11.65 7.52
N ALA A 76 28.50 -11.96 7.67
CA ALA A 76 29.50 -11.10 7.01
C ALA A 76 30.76 -11.83 6.61
N LEU A 77 31.41 -11.36 5.55
CA LEU A 77 32.79 -11.77 5.17
C LEU A 77 33.56 -10.50 5.42
N VAL A 78 34.57 -10.58 6.28
CA VAL A 78 35.36 -9.44 6.70
C VAL A 78 36.78 -9.60 6.16
N ILE A 79 37.17 -8.69 5.29
CA ILE A 79 38.40 -8.78 4.50
C ILE A 79 39.32 -7.67 4.91
N SER A 80 40.55 -8.04 5.34
CA SER A 80 41.52 -7.08 5.86
C SER A 80 42.68 -6.82 4.93
N ASN A 81 43.41 -5.74 5.22
CA ASN A 81 44.70 -5.41 4.60
C ASN A 81 44.65 -5.14 3.11
N LEU A 82 43.70 -4.33 2.70
CA LEU A 82 43.46 -4.08 1.30
C LEU A 82 44.13 -2.82 0.80
N PRO A 83 44.45 -2.77 -0.48
CA PRO A 83 44.90 -1.50 -1.05
C PRO A 83 43.75 -0.53 -1.24
N GLU A 84 44.10 0.67 -1.69
CA GLU A 84 43.18 1.74 -1.90
C GLU A 84 42.22 1.46 -3.04
N ARG A 85 42.65 0.78 -4.08
CA ARG A 85 41.85 0.38 -5.22
C ARG A 85 42.14 -1.05 -5.55
N PHE A 86 41.14 -1.85 -5.85
CA PHE A 86 41.39 -3.29 -6.09
C PHE A 86 40.19 -3.93 -6.71
N THR A 87 40.40 -5.08 -7.32
CA THR A 87 39.35 -5.90 -7.89
C THR A 87 39.11 -7.02 -6.90
N LEU A 88 37.88 -7.15 -6.42
CA LEU A 88 37.47 -8.23 -5.56
C LEU A 88 36.77 -9.27 -6.41
N LYS A 89 37.16 -10.54 -6.28
CA LYS A 89 36.41 -11.61 -6.90
C LYS A 89 35.92 -12.59 -5.88
N ILE A 90 34.59 -12.82 -5.87
CA ILE A 90 33.99 -13.79 -4.99
C ILE A 90 33.31 -14.83 -5.80
N ILE A 91 33.47 -16.11 -5.45
CA ILE A 91 32.67 -17.16 -5.98
C ILE A 91 31.92 -17.77 -4.81
N ASN A 92 30.63 -17.98 -4.98
CA ASN A 92 29.81 -18.63 -3.93
C ASN A 92 28.63 -19.37 -4.51
N GLU A 93 28.03 -20.22 -3.68
CA GLU A 93 26.91 -21.05 -4.09
C GLU A 93 25.73 -20.71 -3.28
N ILE A 94 24.57 -20.88 -3.93
CA ILE A 94 23.23 -20.65 -3.31
C ILE A 94 22.30 -21.74 -3.88
N SER A 95 21.15 -21.91 -3.27
CA SER A 95 20.23 -22.92 -3.66
C SER A 95 18.79 -22.39 -3.82
N PRO A 96 18.44 -21.97 -5.03
CA PRO A 96 17.15 -21.31 -5.18
C PRO A 96 15.93 -22.15 -4.73
N ALA A 97 15.99 -23.45 -5.03
CA ALA A 97 14.92 -24.39 -4.63
C ALA A 97 14.66 -24.44 -3.16
N ALA A 98 15.64 -24.15 -2.33
CA ALA A 98 15.48 -24.17 -0.88
C ALA A 98 14.93 -22.87 -0.33
N ASN A 99 14.80 -21.86 -1.14
CA ASN A 99 14.44 -20.51 -0.69
C ASN A 99 12.93 -20.38 -0.56
N THR A 100 12.36 -20.69 0.62
CA THR A 100 10.89 -20.59 0.79
C THR A 100 10.53 -19.15 1.16
N ALA A 101 11.45 -18.36 1.66
CA ALA A 101 11.15 -17.01 2.15
C ALA A 101 10.95 -15.97 1.01
N LEU A 102 11.39 -16.34 -0.18
CA LEU A 102 11.19 -15.53 -1.41
C LEU A 102 11.94 -14.23 -1.36
N GLU A 103 13.18 -14.31 -0.85
CA GLU A 103 14.09 -13.17 -0.73
CA GLU A 103 14.08 -13.20 -0.75
C GLU A 103 15.41 -13.67 -1.32
N GLY A 104 15.98 -12.90 -2.22
CA GLY A 104 17.16 -13.39 -2.93
C GLY A 104 16.70 -14.01 -4.26
N LEU A 105 17.37 -15.06 -4.65
CA LEU A 105 17.04 -15.82 -5.86
C LEU A 105 16.27 -17.06 -5.48
N TYR A 106 15.08 -17.20 -6.00
CA TYR A 106 14.22 -18.25 -5.64
C TYR A 106 13.44 -18.78 -6.82
N GLN A 107 12.60 -19.76 -6.59
CA GLN A 107 11.79 -20.35 -7.66
C GLN A 107 10.37 -19.90 -7.58
N SER A 108 9.79 -19.53 -8.67
CA SER A 108 8.36 -19.21 -8.75
C SER A 108 7.79 -20.15 -9.84
N GLY A 109 7.20 -21.24 -9.36
CA GLY A 109 6.72 -22.31 -10.26
C GLY A 109 7.98 -22.95 -10.89
N ASP A 110 8.10 -22.91 -12.19
CA ASP A 110 9.30 -23.41 -12.92
C ASP A 110 10.27 -22.27 -13.25
N ALA A 111 9.91 -20.99 -12.96
CA ALA A 111 10.85 -19.89 -13.22
C ALA A 111 11.80 -19.66 -12.04
N LEU A 112 12.94 -19.03 -12.28
CA LEU A 112 13.79 -18.54 -11.25
C LEU A 112 13.67 -17.03 -11.29
N CYS A 113 13.57 -16.34 -10.16
CA CYS A 113 13.43 -14.89 -10.13
C CYS A 113 14.00 -14.37 -8.83
N THR A 114 14.20 -13.06 -8.80
CA THR A 114 14.82 -12.44 -7.63
C THR A 114 13.87 -11.48 -6.89
N GLN A 115 14.11 -11.28 -5.58
CA GLN A 115 13.64 -10.07 -4.93
C GLN A 115 14.75 -9.59 -4.01
N CYS A 116 15.30 -8.43 -4.27
CA CYS A 116 16.43 -7.90 -3.51
C CYS A 116 16.10 -6.80 -2.53
N GLU A 117 15.00 -6.08 -2.68
CA GLU A 117 14.66 -5.00 -1.69
C GLU A 117 14.06 -5.71 -0.48
N ALA A 118 14.46 -5.34 0.74
CA ALA A 118 15.45 -4.27 1.02
C ALA A 118 16.87 -4.82 1.00
N GLU A 119 17.04 -5.95 1.67
CA GLU A 119 18.40 -6.53 1.92
C GLU A 119 18.50 -8.00 1.48
N GLY A 120 18.01 -8.25 0.29
CA GLY A 120 18.04 -9.57 -0.32
C GLY A 120 19.22 -9.90 -1.18
N PHE A 121 19.93 -8.89 -1.67
CA PHE A 121 21.06 -9.17 -2.59
C PHE A 121 22.18 -9.95 -1.81
N ARG A 122 22.29 -9.69 -0.51
CA ARG A 122 23.26 -10.41 0.34
C ARG A 122 22.89 -11.87 0.46
N HIS A 123 21.69 -12.29 0.03
CA HIS A 123 21.35 -13.73 -0.10
C HIS A 123 21.80 -14.37 -1.45
N ILE A 124 22.42 -13.58 -2.29
CA ILE A 124 22.86 -13.98 -3.62
C ILE A 124 24.38 -13.97 -3.65
N THR A 125 25.02 -12.94 -3.12
CA THR A 125 26.45 -12.93 -3.00
C THR A 125 26.89 -11.98 -1.90
N TYR A 126 28.20 -12.01 -1.58
CA TYR A 126 28.77 -11.11 -0.57
C TYR A 126 28.93 -9.68 -1.11
N TYR A 127 28.34 -8.67 -0.47
CA TYR A 127 28.30 -7.38 -1.07
C TYR A 127 28.14 -6.28 -0.07
N LEU A 128 28.34 -5.04 -0.50
CA LEU A 128 27.99 -3.85 0.31
C LEU A 128 26.49 -3.58 0.07
N ASP A 129 25.68 -4.35 0.77
CA ASP A 129 24.21 -4.38 0.56
C ASP A 129 23.56 -3.29 1.37
N ARG A 130 23.70 -2.11 0.85
CA ARG A 130 23.28 -0.85 1.40
C ARG A 130 23.12 0.15 0.24
N PRO A 131 22.09 1.00 0.29
CA PRO A 131 21.64 1.63 -0.95
C PRO A 131 22.44 2.90 -1.29
N ASP A 132 23.38 3.33 -0.42
CA ASP A 132 24.28 4.40 -0.69
C ASP A 132 25.57 3.89 -1.45
N VAL A 133 25.66 2.62 -1.77
CA VAL A 133 26.69 2.08 -2.66
C VAL A 133 26.02 1.80 -4.01
N LEU A 134 26.27 2.69 -4.96
CA LEU A 134 25.80 2.55 -6.31
C LEU A 134 26.90 2.05 -7.22
N ALA A 135 26.60 1.15 -8.11
CA ALA A 135 27.61 0.57 -9.04
C ALA A 135 26.97 0.29 -10.39
N ARG A 136 27.79 0.21 -11.41
CA ARG A 136 27.38 -0.21 -12.75
CA ARG A 136 27.35 -0.21 -12.74
C ARG A 136 27.48 -1.72 -12.86
N PHE A 137 26.37 -2.35 -13.15
CA PHE A 137 26.26 -3.82 -13.23
C PHE A 137 26.35 -4.35 -14.67
N THR A 138 27.01 -5.50 -14.83
CA THR A 138 26.90 -6.34 -16.01
CA THR A 138 26.81 -6.33 -15.98
C THR A 138 26.53 -7.72 -15.48
N THR A 139 25.63 -8.43 -16.13
CA THR A 139 25.13 -9.71 -15.65
C THR A 139 25.15 -10.71 -16.75
N LYS A 140 25.95 -11.76 -16.58
CA LYS A 140 25.98 -12.93 -17.49
C LYS A 140 25.29 -14.08 -16.87
N ILE A 141 24.36 -14.67 -17.62
CA ILE A 141 23.55 -15.75 -17.11
C ILE A 141 23.74 -16.96 -17.98
N ILE A 142 24.04 -18.10 -17.37
CA ILE A 142 24.30 -19.33 -18.10
C ILE A 142 23.28 -20.37 -17.60
N ALA A 143 22.53 -21.00 -18.47
CA ALA A 143 21.53 -21.93 -18.06
C ALA A 143 21.18 -22.97 -19.16
N ASP A 144 20.46 -23.97 -18.72
CA ASP A 144 19.78 -24.98 -19.61
C ASP A 144 18.80 -24.32 -20.50
N LYS A 145 19.03 -24.50 -21.79
CA LYS A 145 18.22 -23.83 -22.79
C LYS A 145 16.78 -24.25 -22.84
N ILE A 146 16.47 -25.50 -22.53
CA ILE A 146 15.10 -25.98 -22.61
C ILE A 146 14.30 -25.49 -21.41
N LYS A 147 14.85 -25.60 -20.21
CA LYS A 147 14.14 -25.13 -19.02
C LYS A 147 14.06 -23.61 -18.95
N TYR A 148 15.13 -22.93 -19.36
CA TYR A 148 15.24 -21.43 -19.23
C TYR A 148 15.59 -20.76 -20.53
N PRO A 149 14.66 -20.76 -21.47
CA PRO A 149 14.95 -20.16 -22.76
C PRO A 149 15.07 -18.63 -22.69
N PHE A 150 14.39 -18.00 -21.73
CA PHE A 150 14.56 -16.57 -21.53
C PHE A 150 15.44 -16.33 -20.28
N LEU A 151 16.44 -15.50 -20.45
CA LEU A 151 17.39 -15.17 -19.36
C LEU A 151 17.47 -13.64 -19.35
N LEU A 152 16.91 -13.05 -18.31
CA LEU A 152 16.73 -11.60 -18.25
C LEU A 152 17.48 -11.02 -17.08
N SER A 153 18.06 -9.87 -17.30
CA SER A 153 18.53 -8.99 -16.19
C SER A 153 18.38 -7.53 -16.60
N ASN A 154 18.77 -6.60 -15.70
CA ASN A 154 18.57 -5.20 -15.91
C ASN A 154 19.37 -4.70 -17.12
N GLY A 155 18.78 -3.80 -17.89
CA GLY A 155 19.46 -3.07 -18.90
C GLY A 155 19.26 -3.58 -20.32
N ASN A 156 20.35 -3.55 -21.12
CA ASN A 156 20.36 -3.99 -22.50
C ASN A 156 21.07 -5.33 -22.64
N ARG A 157 20.62 -6.11 -23.58
CA ARG A 157 21.25 -7.36 -23.89
C ARG A 157 22.43 -7.14 -24.83
N VAL A 158 23.62 -7.40 -24.38
CA VAL A 158 24.83 -6.98 -25.06
C VAL A 158 25.64 -8.15 -25.67
N ALA A 159 25.32 -9.40 -25.27
CA ALA A 159 26.07 -10.57 -25.70
C ALA A 159 25.23 -11.79 -25.46
N GLN A 160 25.50 -12.86 -26.23
CA GLN A 160 24.70 -14.04 -26.23
C GLN A 160 25.59 -15.14 -26.80
N GLY A 161 25.44 -16.36 -26.32
CA GLY A 161 26.15 -17.48 -26.86
C GLY A 161 25.50 -18.82 -26.55
N GLU A 162 25.96 -19.82 -27.24
CA GLU A 162 25.52 -21.19 -27.08
C GLU A 162 26.68 -22.01 -26.60
N LEU A 163 26.38 -22.96 -25.78
CA LEU A 163 27.39 -23.79 -25.20
C LEU A 163 27.04 -25.23 -25.49
N GLU A 164 27.98 -26.10 -25.09
CA GLU A 164 27.73 -27.55 -25.10
C GLU A 164 26.73 -27.95 -24.00
N ASN A 165 26.22 -29.13 -24.21
CA ASN A 165 25.27 -29.78 -23.31
C ASN A 165 24.01 -29.02 -23.09
N GLY A 166 23.49 -28.47 -24.15
CA GLY A 166 22.17 -27.85 -24.13
C GLY A 166 22.07 -26.56 -23.29
N ARG A 167 23.22 -25.91 -23.03
CA ARG A 167 23.27 -24.68 -22.23
C ARG A 167 23.45 -23.48 -23.18
N HIS A 168 22.99 -22.33 -22.72
CA HIS A 168 23.21 -21.06 -23.42
C HIS A 168 23.45 -19.96 -22.42
N TRP A 169 23.85 -18.80 -22.93
CA TRP A 169 24.11 -17.68 -22.07
C TRP A 169 23.74 -16.37 -22.74
N VAL A 170 23.41 -15.38 -21.89
CA VAL A 170 23.09 -13.99 -22.29
C VAL A 170 23.80 -13.08 -21.32
N GLN A 171 24.29 -11.92 -21.78
CA GLN A 171 24.83 -10.94 -20.91
C GLN A 171 24.09 -9.63 -21.12
N TRP A 172 23.82 -9.00 -20.01
CA TRP A 172 23.06 -7.77 -19.85
C TRP A 172 23.98 -6.71 -19.28
N GLN A 173 23.83 -5.48 -19.73
CA GLN A 173 24.54 -4.39 -19.15
C GLN A 173 23.56 -3.27 -18.85
N ASP A 174 23.61 -2.78 -17.62
CA ASP A 174 22.76 -1.64 -17.20
C ASP A 174 23.73 -0.47 -16.94
N PRO A 175 23.66 0.55 -17.77
CA PRO A 175 24.62 1.65 -17.71
C PRO A 175 24.37 2.58 -16.54
N PHE A 176 23.20 2.52 -15.87
CA PHE A 176 22.96 3.47 -14.79
C PHE A 176 23.45 2.88 -13.48
N PRO A 177 24.27 3.61 -12.74
CA PRO A 177 24.68 3.12 -11.41
C PRO A 177 23.48 2.88 -10.53
N LYS A 178 23.51 1.76 -9.81
CA LYS A 178 22.39 1.48 -8.94
C LYS A 178 22.86 0.83 -7.65
N PRO A 179 22.07 1.02 -6.59
CA PRO A 179 22.24 0.14 -5.42
C PRO A 179 21.79 -1.26 -5.77
N CYS A 180 22.28 -2.25 -5.06
CA CYS A 180 21.96 -3.61 -5.35
C CYS A 180 20.52 -4.04 -5.12
N TYR A 181 19.71 -3.29 -4.34
CA TYR A 181 18.36 -3.72 -4.09
C TYR A 181 17.58 -3.64 -5.42
N LEU A 182 18.14 -2.93 -6.42
CA LEU A 182 17.50 -2.78 -7.71
C LEU A 182 17.93 -3.82 -8.76
N PHE A 183 18.80 -4.71 -8.36
CA PHE A 183 19.20 -5.82 -9.20
C PHE A 183 18.06 -6.79 -9.41
N ALA A 184 17.96 -7.36 -10.63
CA ALA A 184 17.04 -8.44 -10.90
C ALA A 184 17.57 -9.43 -11.89
N LEU A 185 17.10 -10.66 -11.72
CA LEU A 185 17.37 -11.76 -12.64
C LEU A 185 16.10 -12.58 -12.76
N VAL A 186 15.79 -12.96 -13.99
CA VAL A 186 14.65 -13.87 -14.26
C VAL A 186 15.09 -14.90 -15.27
N ALA A 187 14.78 -16.15 -15.00
CA ALA A 187 15.05 -17.23 -15.97
C ALA A 187 13.80 -18.10 -16.09
N GLY A 188 13.40 -18.41 -17.31
CA GLY A 188 12.26 -19.28 -17.44
C GLY A 188 11.70 -19.35 -18.85
N ASP A 189 10.50 -19.91 -18.96
CA ASP A 189 9.80 -19.95 -20.23
C ASP A 189 8.53 -19.21 -20.14
N PHE A 190 8.27 -18.27 -21.03
CA PHE A 190 7.14 -17.34 -20.94
C PHE A 190 6.54 -17.10 -22.32
N ASP A 191 5.31 -16.58 -22.34
CA ASP A 191 4.80 -15.89 -23.47
C ASP A 191 5.16 -14.47 -23.24
N VAL A 192 5.34 -13.73 -24.32
CA VAL A 192 5.84 -12.35 -24.27
C VAL A 192 4.95 -11.44 -25.10
N LEU A 193 4.38 -10.43 -24.49
CA LEU A 193 3.60 -9.43 -25.20
C LEU A 193 4.56 -8.27 -25.46
N ARG A 194 4.73 -7.97 -26.75
CA ARG A 194 5.72 -6.96 -27.20
C ARG A 194 5.03 -5.78 -27.79
N ASP A 195 5.44 -4.58 -27.39
CA ASP A 195 4.86 -3.37 -27.94
C ASP A 195 5.94 -2.30 -27.89
N THR A 196 5.59 -1.06 -28.22
CA THR A 196 6.54 0.06 -28.15
CA THR A 196 6.54 0.05 -28.27
C THR A 196 5.88 1.28 -27.66
N PHE A 197 6.65 2.19 -27.04
CA PHE A 197 6.18 3.47 -26.68
C PHE A 197 7.25 4.47 -27.16
N THR A 198 6.80 5.53 -27.81
CA THR A 198 7.67 6.62 -28.22
C THR A 198 7.56 7.80 -27.31
N THR A 199 8.68 8.15 -26.70
CA THR A 199 8.67 9.25 -25.73
C THR A 199 8.45 10.59 -26.46
N ARG A 200 8.15 11.58 -25.66
CA ARG A 200 7.86 12.91 -26.14
CA ARG A 200 7.90 12.95 -26.08
C ARG A 200 9.03 13.42 -27.03
N SER A 201 10.27 13.12 -26.67
CA SER A 201 11.43 13.58 -27.43
C SER A 201 11.81 12.66 -28.58
N GLY A 202 11.09 11.54 -28.75
CA GLY A 202 11.25 10.65 -29.91
C GLY A 202 12.03 9.39 -29.63
N ARG A 203 12.29 9.04 -28.38
CA ARG A 203 12.97 7.79 -28.09
C ARG A 203 11.96 6.64 -28.15
N GLU A 204 12.31 5.60 -28.91
CA GLU A 204 11.40 4.48 -29.07
C GLU A 204 11.84 3.36 -28.08
N VAL A 205 10.91 2.99 -27.19
CA VAL A 205 11.14 2.07 -26.09
C VAL A 205 10.45 0.81 -26.43
N ALA A 206 11.21 -0.28 -26.46
CA ALA A 206 10.56 -1.58 -26.55
C ALA A 206 9.95 -1.98 -25.22
N LEU A 207 8.70 -2.42 -25.25
CA LEU A 207 7.94 -2.85 -24.04
C LEU A 207 7.74 -4.33 -24.13
N GLU A 208 8.13 -5.09 -23.09
CA GLU A 208 8.00 -6.52 -23.10
C GLU A 208 7.40 -7.01 -21.78
N LEU A 209 6.26 -7.68 -21.84
CA LEU A 209 5.58 -8.23 -20.69
C LEU A 209 5.69 -9.73 -20.80
N TYR A 210 6.32 -10.35 -19.81
CA TYR A 210 6.59 -11.74 -19.74
C TYR A 210 5.53 -12.34 -18.78
N VAL A 211 4.73 -13.27 -19.30
CA VAL A 211 3.74 -13.96 -18.53
C VAL A 211 3.87 -15.47 -18.72
N ASP A 212 3.25 -16.21 -17.83
CA ASP A 212 3.34 -17.66 -17.91
CA ASP A 212 3.22 -17.68 -17.89
C ASP A 212 2.66 -18.09 -19.24
N ARG A 213 3.18 -19.16 -19.82
CA ARG A 213 2.66 -19.63 -21.11
CA ARG A 213 2.68 -19.63 -21.12
C ARG A 213 1.15 -19.80 -21.05
N GLY A 214 0.42 -19.30 -22.04
CA GLY A 214 -1.01 -19.42 -22.07
C GLY A 214 -1.73 -18.18 -21.51
N ASN A 215 -1.01 -17.15 -20.99
CA ASN A 215 -1.67 -15.98 -20.34
C ASN A 215 -1.57 -14.70 -21.13
N LEU A 216 -1.22 -14.77 -22.40
CA LEU A 216 -1.14 -13.58 -23.17
C LEU A 216 -2.43 -12.84 -23.32
N ASP A 217 -3.53 -13.59 -23.24
CA ASP A 217 -4.87 -13.00 -23.34
C ASP A 217 -5.17 -12.13 -22.10
N ARG A 218 -4.34 -12.23 -21.07
CA ARG A 218 -4.61 -11.51 -19.84
CA ARG A 218 -4.63 -11.48 -19.85
C ARG A 218 -3.63 -10.35 -19.67
N ALA A 219 -2.81 -10.10 -20.66
CA ALA A 219 -1.74 -9.04 -20.59
C ALA A 219 -2.00 -7.67 -21.16
N PRO A 220 -2.93 -7.49 -22.12
CA PRO A 220 -3.02 -6.16 -22.74
C PRO A 220 -3.40 -5.00 -21.90
N TRP A 221 -4.23 -5.21 -20.86
CA TRP A 221 -4.55 -4.10 -20.00
C TRP A 221 -3.31 -3.54 -19.22
N ALA A 222 -2.48 -4.45 -18.75
CA ALA A 222 -1.23 -4.02 -18.12
C ALA A 222 -0.32 -3.29 -19.10
N MET A 223 -0.27 -3.77 -20.34
CA MET A 223 0.50 -3.06 -21.39
C MET A 223 -0.03 -1.66 -21.63
N THR A 224 -1.33 -1.57 -21.71
CA THR A 224 -1.98 -0.29 -21.93
C THR A 224 -1.69 0.66 -20.76
N SER A 225 -1.78 0.10 -19.54
CA SER A 225 -1.51 0.88 -18.38
C SER A 225 -0.04 1.39 -18.27
N LEU A 226 0.91 0.57 -18.77
CA LEU A 226 2.31 0.97 -18.76
C LEU A 226 2.42 2.15 -19.69
N LYS A 227 1.84 2.02 -20.90
CA LYS A 227 1.89 3.18 -21.79
C LYS A 227 1.24 4.44 -21.23
N ASN A 228 0.07 4.28 -20.61
CA ASN A 228 -0.56 5.35 -19.96
C ASN A 228 0.32 6.01 -18.90
N SER A 229 1.00 5.18 -18.12
CA SER A 229 1.90 5.68 -17.08
C SER A 229 3.06 6.53 -17.65
N MET A 230 3.67 6.00 -18.71
CA MET A 230 4.73 6.69 -19.37
C MET A 230 4.26 8.02 -19.91
N LYS A 231 3.13 8.04 -20.59
CA LYS A 231 2.61 9.30 -21.11
C LYS A 231 2.28 10.28 -20.01
N TRP A 232 1.65 9.77 -18.95
CA TRP A 232 1.27 10.68 -17.83
C TRP A 232 2.47 11.30 -17.14
N ASP A 233 3.54 10.51 -16.92
CA ASP A 233 4.71 11.06 -16.24
C ASP A 233 5.38 12.13 -17.08
N GLU A 234 5.30 11.96 -18.41
CA GLU A 234 5.73 13.07 -19.31
C GLU A 234 4.86 14.30 -19.18
N GLU A 235 3.56 14.13 -19.22
CA GLU A 235 2.63 15.28 -19.18
C GLU A 235 2.60 15.99 -17.86
N ARG A 236 2.54 15.23 -16.76
CA ARG A 236 2.43 15.84 -15.44
C ARG A 236 3.72 16.27 -14.85
N PHE A 237 4.72 15.39 -14.87
CA PHE A 237 6.01 15.69 -14.25
C PHE A 237 7.18 16.03 -15.22
N GLY A 238 6.97 15.93 -16.51
CA GLY A 238 8.07 16.20 -17.48
C GLY A 238 9.15 15.12 -17.51
N LEU A 239 8.79 13.90 -17.13
CA LEU A 239 9.74 12.82 -16.97
C LEU A 239 9.58 11.82 -18.09
N GLU A 240 10.70 11.46 -18.73
CA GLU A 240 10.78 10.44 -19.74
C GLU A 240 11.56 9.25 -19.29
N TYR A 241 11.21 8.08 -19.82
CA TYR A 241 11.99 6.89 -19.58
C TYR A 241 13.40 7.01 -20.23
N ASP A 242 14.37 6.30 -19.65
CA ASP A 242 15.75 6.60 -19.90
C ASP A 242 16.53 5.40 -20.54
N LEU A 243 15.86 4.26 -20.77
CA LEU A 243 16.41 3.13 -21.44
C LEU A 243 15.65 2.84 -22.73
N ASP A 244 16.13 1.86 -23.49
CA ASP A 244 15.48 1.55 -24.78
C ASP A 244 14.57 0.29 -24.67
N ILE A 245 14.58 -0.30 -23.50
CA ILE A 245 13.77 -1.48 -23.20
C ILE A 245 13.17 -1.37 -21.80
N TYR A 246 11.93 -1.77 -21.69
CA TYR A 246 11.18 -1.85 -20.38
C TYR A 246 10.57 -3.23 -20.32
N MET A 247 11.06 -4.03 -19.38
CA MET A 247 10.59 -5.39 -19.19
C MET A 247 9.76 -5.48 -17.88
N ILE A 248 8.64 -6.21 -17.95
CA ILE A 248 7.86 -6.60 -16.78
C ILE A 248 7.68 -8.10 -16.82
N VAL A 249 7.91 -8.77 -15.68
CA VAL A 249 7.67 -10.18 -15.55
C VAL A 249 6.64 -10.45 -14.47
N ALA A 250 5.57 -11.19 -14.81
CA ALA A 250 4.49 -11.53 -13.84
C ALA A 250 4.80 -12.90 -13.26
N VAL A 251 4.98 -12.98 -11.94
CA VAL A 251 5.27 -14.24 -11.25
C VAL A 251 4.20 -14.48 -10.20
N ASP A 252 3.86 -15.75 -9.99
CA ASP A 252 2.79 -16.15 -9.08
C ASP A 252 3.20 -16.19 -7.61
N PHE A 253 4.48 -16.29 -7.35
CA PHE A 253 5.04 -16.36 -6.01
C PHE A 253 5.86 -15.12 -5.71
N PHE A 254 5.29 -14.22 -4.91
CA PHE A 254 5.88 -12.92 -4.65
C PHE A 254 5.24 -12.39 -3.38
N ASN A 255 6.08 -11.94 -2.46
CA ASN A 255 5.60 -11.46 -1.17
C ASN A 255 4.80 -10.16 -1.17
N MET A 256 5.17 -9.19 -1.97
CA MET A 256 4.40 -7.94 -1.99
C MET A 256 3.65 -7.78 -3.32
N GLY A 257 3.47 -6.57 -3.80
CA GLY A 257 2.71 -6.34 -5.05
C GLY A 257 3.60 -6.38 -6.26
N ALA A 258 4.71 -5.66 -6.18
CA ALA A 258 5.62 -5.59 -7.34
C ALA A 258 6.91 -4.92 -6.93
N MET A 259 7.85 -4.82 -7.87
CA MET A 259 9.16 -4.31 -7.53
C MET A 259 9.80 -3.56 -8.71
N GLU A 260 10.30 -2.33 -8.45
CA GLU A 260 10.76 -1.43 -9.48
C GLU A 260 12.18 -1.70 -10.02
N ASN A 261 12.64 -2.95 -10.06
CA ASN A 261 14.03 -3.18 -10.52
C ASN A 261 14.25 -2.49 -11.85
N LYS A 262 15.39 -1.84 -12.00
CA LYS A 262 15.65 -0.97 -13.16
C LYS A 262 15.48 -1.70 -14.46
N GLY A 263 14.52 -1.25 -15.25
CA GLY A 263 14.20 -1.87 -16.56
C GLY A 263 13.71 -3.27 -16.63
N LEU A 264 13.54 -3.86 -15.44
CA LEU A 264 13.12 -5.24 -15.31
C LEU A 264 12.25 -5.38 -14.03
N ASN A 265 11.06 -4.81 -14.10
CA ASN A 265 10.17 -4.86 -12.93
C ASN A 265 9.69 -6.32 -12.80
N ILE A 266 9.59 -6.81 -11.54
CA ILE A 266 9.02 -8.10 -11.28
C ILE A 266 7.72 -7.84 -10.47
N PHE A 267 6.60 -8.40 -10.97
CA PHE A 267 5.25 -8.15 -10.49
C PHE A 267 4.67 -9.45 -9.97
N ASN A 268 3.97 -9.33 -8.85
CA ASN A 268 2.99 -10.33 -8.46
C ASN A 268 1.96 -10.36 -9.60
N SER A 269 1.66 -11.55 -10.08
CA SER A 269 0.69 -11.69 -11.17
CA SER A 269 0.68 -11.73 -11.15
C SER A 269 -0.67 -11.12 -10.88
N LYS A 270 -1.02 -11.00 -9.61
CA LYS A 270 -2.23 -10.29 -9.17
C LYS A 270 -2.29 -8.90 -9.76
N TYR A 271 -1.18 -8.21 -9.97
CA TYR A 271 -1.20 -6.86 -10.44
C TYR A 271 -0.75 -6.74 -11.88
N VAL A 272 -0.95 -7.82 -12.65
CA VAL A 272 -0.72 -7.81 -14.12
C VAL A 272 -1.93 -8.40 -14.84
N LEU A 273 -2.37 -9.60 -14.45
CA LEU A 273 -3.27 -10.40 -15.33
C LEU A 273 -4.71 -9.97 -15.12
N ALA A 274 -5.39 -9.64 -16.22
CA ALA A 274 -6.80 -9.28 -16.17
C ALA A 274 -7.54 -9.70 -17.48
N ARG A 275 -8.75 -10.23 -17.32
CA ARG A 275 -9.70 -10.52 -18.41
C ARG A 275 -11.05 -10.22 -17.77
N THR A 276 -12.07 -9.88 -18.55
CA THR A 276 -13.31 -9.39 -17.95
C THR A 276 -14.05 -10.47 -17.15
N ASP A 277 -13.83 -11.73 -17.46
CA ASP A 277 -14.50 -12.79 -16.73
C ASP A 277 -13.74 -13.21 -15.45
N THR A 278 -12.50 -12.72 -15.25
CA THR A 278 -11.64 -13.10 -14.13
C THR A 278 -11.33 -11.94 -13.18
N ALA A 279 -11.48 -10.70 -13.62
CA ALA A 279 -10.99 -9.52 -12.90
C ALA A 279 -12.17 -8.57 -12.75
N THR A 280 -12.23 -7.92 -11.60
CA THR A 280 -13.23 -6.87 -11.33
C THR A 280 -12.75 -5.47 -11.78
N ASP A 281 -13.65 -4.49 -11.75
CA ASP A 281 -13.28 -3.12 -11.95
C ASP A 281 -12.12 -2.70 -11.02
N LYS A 282 -12.20 -3.10 -9.78
CA LYS A 282 -11.17 -2.78 -8.83
C LYS A 282 -9.83 -3.43 -9.19
N ASP A 283 -9.86 -4.67 -9.70
CA ASP A 283 -8.65 -5.29 -10.16
C ASP A 283 -8.04 -4.51 -11.33
N TYR A 284 -8.88 -4.10 -12.30
CA TYR A 284 -8.32 -3.25 -13.40
C TYR A 284 -7.67 -1.99 -12.84
N LEU A 285 -8.34 -1.29 -11.93
CA LEU A 285 -7.81 -0.02 -11.40
C LEU A 285 -6.55 -0.23 -10.50
N ASP A 286 -6.49 -1.38 -9.87
CA ASP A 286 -5.29 -1.76 -9.07
C ASP A 286 -4.11 -2.07 -9.97
N ILE A 287 -4.39 -2.78 -11.05
CA ILE A 287 -3.33 -3.02 -12.03
C ILE A 287 -2.80 -1.69 -12.56
N GLU A 288 -3.71 -0.79 -12.94
CA GLU A 288 -3.31 0.51 -13.40
C GLU A 288 -2.41 1.24 -12.36
N ARG A 289 -2.86 1.23 -11.10
CA ARG A 289 -2.16 1.88 -9.98
CA ARG A 289 -2.10 1.97 -10.11
C ARG A 289 -0.75 1.32 -9.80
N VAL A 290 -0.64 0.01 -9.79
CA VAL A 290 0.60 -0.65 -9.41
C VAL A 290 1.58 -0.59 -10.58
N ILE A 291 1.10 -0.79 -11.81
CA ILE A 291 1.93 -0.57 -13.00
C ILE A 291 2.48 0.87 -12.97
N GLY A 292 1.62 1.83 -12.71
CA GLY A 292 2.03 3.18 -12.60
C GLY A 292 3.09 3.37 -11.50
N HIS A 293 2.78 2.89 -10.30
CA HIS A 293 3.66 3.01 -9.12
C HIS A 293 5.05 2.54 -9.48
N GLU A 294 5.19 1.35 -10.03
CA GLU A 294 6.58 0.83 -10.34
C GLU A 294 7.26 1.64 -11.39
N TYR A 295 6.51 2.07 -12.38
CA TYR A 295 6.98 2.99 -13.40
C TYR A 295 7.48 4.29 -12.82
N PHE A 296 6.71 4.91 -11.96
CA PHE A 296 7.11 6.18 -11.37
C PHE A 296 8.37 6.11 -10.53
N HIS A 297 8.61 4.94 -9.95
CA HIS A 297 9.84 4.69 -9.21
C HIS A 297 11.08 4.88 -10.09
N ASN A 298 10.91 4.78 -11.41
CA ASN A 298 12.08 4.92 -12.25
C ASN A 298 12.84 6.24 -11.98
N TRP A 299 12.10 7.31 -11.70
CA TRP A 299 12.70 8.54 -11.21
C TRP A 299 12.75 8.64 -9.72
N THR A 300 11.59 8.45 -9.06
CA THR A 300 11.50 8.59 -7.60
C THR A 300 11.79 7.28 -6.91
N GLY A 301 13.10 6.97 -6.86
CA GLY A 301 13.58 5.68 -6.33
C GLY A 301 14.82 5.18 -7.04
N ASN A 302 14.82 5.23 -8.37
CA ASN A 302 15.94 4.63 -9.16
C ASN A 302 16.93 5.72 -9.57
N ARG A 303 16.50 6.71 -10.33
CA ARG A 303 17.38 7.81 -10.75
C ARG A 303 17.85 8.60 -9.51
N VAL A 304 16.96 8.85 -8.53
CA VAL A 304 17.39 9.24 -7.19
C VAL A 304 16.91 8.15 -6.23
N THR A 305 17.87 7.55 -5.50
CA THR A 305 17.58 6.50 -4.56
C THR A 305 17.74 6.97 -3.13
N CYS A 306 17.72 6.01 -2.20
CA CYS A 306 17.74 6.28 -0.78
C CYS A 306 19.15 6.11 -0.19
N ARG A 307 19.60 7.09 0.61
CA ARG A 307 20.90 7.00 1.26
C ARG A 307 20.97 5.78 2.20
N ASP A 308 19.87 5.52 2.91
CA ASP A 308 19.79 4.44 3.86
C ASP A 308 18.32 4.10 3.97
N TRP A 309 17.99 2.97 4.59
CA TRP A 309 16.63 2.47 4.60
C TRP A 309 15.68 3.27 5.54
N PHE A 310 16.24 4.05 6.48
CA PHE A 310 15.42 4.98 7.25
C PHE A 310 14.75 5.99 6.36
N GLN A 311 15.35 6.25 5.19
CA GLN A 311 14.83 7.20 4.23
C GLN A 311 13.82 6.56 3.24
N LEU A 312 13.28 5.42 3.55
CA LEU A 312 12.41 4.74 2.60
C LEU A 312 11.26 5.59 2.07
N SER A 313 10.65 6.40 2.93
CA SER A 313 9.54 7.26 2.53
C SER A 313 9.90 8.28 1.49
N LEU A 314 11.19 8.61 1.39
CA LEU A 314 11.67 9.52 0.35
C LEU A 314 11.20 9.00 -1.03
N LYS A 315 11.32 7.69 -1.28
CA LYS A 315 10.80 7.09 -2.49
C LYS A 315 9.33 6.61 -2.37
N GLU A 316 8.97 6.01 -1.22
CA GLU A 316 7.65 5.45 -1.13
C GLU A 316 6.52 6.46 -0.95
N GLY A 317 6.67 7.47 -0.10
CA GLY A 317 5.67 8.50 0.02
C GLY A 317 5.48 9.22 -1.29
N LEU A 318 6.61 9.59 -1.91
CA LEU A 318 6.55 10.36 -3.13
C LEU A 318 6.00 9.55 -4.29
N THR A 319 6.36 8.27 -4.35
CA THR A 319 5.83 7.39 -5.42
C THR A 319 4.39 7.02 -5.21
N VAL A 320 3.96 6.84 -3.96
CA VAL A 320 2.51 6.72 -3.72
C VAL A 320 1.77 7.99 -4.11
N PHE A 321 2.30 9.16 -3.76
CA PHE A 321 1.67 10.38 -4.14
C PHE A 321 1.51 10.41 -5.67
N ARG A 322 2.59 10.03 -6.38
CA ARG A 322 2.54 9.99 -7.83
C ARG A 322 1.49 9.01 -8.33
N ASP A 323 1.40 7.80 -7.75
CA ASP A 323 0.42 6.83 -8.26
C ASP A 323 -1.02 7.32 -7.98
N GLN A 324 -1.23 7.99 -6.85
CA GLN A 324 -2.55 8.59 -6.54
C GLN A 324 -2.95 9.72 -7.52
N GLU A 325 -2.01 10.60 -7.81
CA GLU A 325 -2.18 11.64 -8.80
C GLU A 325 -2.50 11.10 -10.22
N PHE A 326 -1.86 10.00 -10.61
CA PHE A 326 -2.07 9.32 -11.86
C PHE A 326 -3.46 8.78 -11.95
N SER A 327 -3.81 7.97 -10.96
CA SER A 327 -5.15 7.43 -10.85
C SER A 327 -6.22 8.53 -10.79
N SER A 328 -5.96 9.56 -10.02
CA SER A 328 -6.87 10.65 -9.85
C SER A 328 -7.03 11.44 -11.17
N ASP A 329 -5.95 11.68 -11.91
CA ASP A 329 -6.00 12.43 -13.16
C ASP A 329 -6.75 11.60 -14.18
N LEU A 330 -6.48 10.30 -14.28
CA LEU A 330 -7.14 9.48 -15.29
C LEU A 330 -8.59 9.14 -14.98
N GLY A 331 -8.88 8.97 -13.69
CA GLY A 331 -10.21 8.52 -13.21
C GLY A 331 -10.97 9.64 -12.53
N SER A 332 -11.67 9.26 -11.50
CA SER A 332 -12.36 10.22 -10.64
C SER A 332 -11.45 10.67 -9.52
N ARG A 333 -11.06 11.95 -9.47
CA ARG A 333 -10.23 12.44 -8.39
C ARG A 333 -10.96 12.28 -7.02
N ALA A 334 -12.27 12.58 -6.98
CA ALA A 334 -13.06 12.40 -5.75
C ALA A 334 -13.07 10.99 -5.23
N VAL A 335 -13.30 9.97 -6.08
CA VAL A 335 -13.32 8.59 -5.64
C VAL A 335 -11.96 8.17 -5.15
N ASN A 336 -10.90 8.60 -5.87
CA ASN A 336 -9.56 8.34 -5.39
C ASN A 336 -9.30 8.92 -4.00
N ARG A 337 -9.62 10.17 -3.79
CA ARG A 337 -9.36 10.86 -2.57
C ARG A 337 -10.13 10.21 -1.43
N ILE A 338 -11.40 9.96 -1.66
CA ILE A 338 -12.22 9.21 -0.72
C ILE A 338 -11.62 7.87 -0.30
N ASN A 339 -11.22 7.04 -1.26
CA ASN A 339 -10.66 5.77 -0.91
C ASN A 339 -9.36 5.90 -0.18
N ASN A 340 -8.52 6.85 -0.57
CA ASN A 340 -7.25 6.99 0.14
C ASN A 340 -7.47 7.52 1.56
N VAL A 341 -8.48 8.34 1.77
CA VAL A 341 -8.82 8.79 3.10
C VAL A 341 -9.38 7.64 3.96
N ARG A 342 -10.20 6.78 3.38
CA ARG A 342 -10.63 5.58 4.06
CA ARG A 342 -10.62 5.58 4.09
C ARG A 342 -9.44 4.73 4.58
N THR A 343 -8.43 4.56 3.73
CA THR A 343 -7.30 3.79 4.11
C THR A 343 -6.57 4.50 5.25
N MET A 344 -6.38 5.79 5.15
CA MET A 344 -5.65 6.50 6.19
C MET A 344 -6.39 6.38 7.56
N ARG A 345 -7.68 6.74 7.55
CA ARG A 345 -8.42 6.77 8.82
C ARG A 345 -8.72 5.38 9.37
N GLY A 346 -9.00 4.43 8.52
CA GLY A 346 -9.33 3.11 8.96
C GLY A 346 -8.20 2.14 9.16
N LEU A 347 -7.06 2.33 8.49
CA LEU A 347 -5.95 1.36 8.66
C LEU A 347 -4.72 2.07 9.19
N GLN A 348 -4.34 3.24 8.65
CA GLN A 348 -3.09 3.83 9.07
C GLN A 348 -3.20 4.41 10.46
N PHE A 349 -4.28 5.11 10.75
CA PHE A 349 -4.48 5.66 12.13
C PHE A 349 -4.29 4.52 13.20
N ALA A 350 -4.82 3.36 12.92
CA ALA A 350 -4.66 2.23 13.86
C ALA A 350 -3.20 1.85 14.03
N GLU A 351 -2.42 1.85 12.93
CA GLU A 351 -1.00 1.57 13.06
C GLU A 351 -0.31 2.62 13.92
N ASP A 352 -0.67 3.87 13.71
CA ASP A 352 -0.08 5.02 14.44
C ASP A 352 -0.43 5.04 15.94
N ALA A 353 -1.38 4.23 16.35
CA ALA A 353 -1.72 4.10 17.78
C ALA A 353 -1.20 2.76 18.31
N SER A 354 -0.49 1.97 17.50
CA SER A 354 -0.18 0.60 17.87
C SER A 354 1.23 0.52 18.44
N PRO A 355 1.64 -0.67 18.92
CA PRO A 355 3.04 -0.85 19.37
C PRO A 355 4.08 -0.69 18.26
N MET A 356 3.66 -0.80 16.99
CA MET A 356 4.56 -0.61 15.87
C MET A 356 4.55 0.80 15.36
N ALA A 357 3.93 1.77 16.05
CA ALA A 357 3.93 3.15 15.60
C ALA A 357 5.36 3.62 15.29
N HIS A 358 5.51 4.38 14.20
CA HIS A 358 6.74 5.01 13.85
C HIS A 358 6.54 6.26 13.03
N PRO A 359 7.51 7.14 13.01
CA PRO A 359 7.45 8.28 12.15
C PRO A 359 7.65 7.81 10.68
N ILE A 360 7.26 8.64 9.72
CA ILE A 360 7.43 8.27 8.31
C ILE A 360 8.91 8.01 7.96
N ARG A 361 9.82 8.66 8.71
CA ARG A 361 11.24 8.38 8.71
C ARG A 361 11.59 7.75 10.04
N PRO A 362 11.64 6.43 10.11
CA PRO A 362 11.91 5.72 11.36
C PRO A 362 13.30 6.08 11.94
N ASP A 363 13.40 6.00 13.25
CA ASP A 363 14.64 6.23 13.96
C ASP A 363 15.34 4.93 14.34
N MET A 364 14.58 3.84 14.38
N MET A 364 14.59 3.85 14.46
CA MET A 364 14.99 2.55 14.92
CA MET A 364 15.15 2.57 14.80
C MET A 364 14.35 1.35 14.20
C MET A 364 14.41 1.49 14.08
N VAL A 365 15.18 0.49 13.61
CA VAL A 365 14.65 -0.67 12.96
C VAL A 365 15.47 -1.91 13.32
N ILE A 366 14.76 -3.00 13.55
CA ILE A 366 15.36 -4.30 13.78
C ILE A 366 15.32 -5.09 12.48
N GLU A 367 14.14 -5.24 11.87
CA GLU A 367 14.02 -5.91 10.56
C GLU A 367 13.36 -4.95 9.56
N MET A 368 14.13 -4.47 8.58
CA MET A 368 13.66 -3.47 7.66
C MET A 368 12.46 -3.90 6.85
N ASN A 369 12.27 -5.20 6.60
CA ASN A 369 11.05 -5.62 5.94
C ASN A 369 9.76 -5.31 6.69
N ASN A 370 9.85 -5.08 8.00
CA ASN A 370 8.70 -4.63 8.85
C ASN A 370 8.30 -3.19 8.63
N PHE A 371 9.06 -2.42 7.86
CA PHE A 371 8.80 -1.01 7.69
C PHE A 371 8.28 -0.58 6.30
N TYR A 372 7.84 -1.56 5.53
CA TYR A 372 7.08 -1.30 4.29
C TYR A 372 5.60 -1.12 4.69
N THR A 373 5.27 0.02 5.30
CA THR A 373 4.03 0.13 6.11
C THR A 373 3.05 1.13 5.52
N LEU A 374 1.80 1.05 5.98
CA LEU A 374 0.79 2.11 5.79
C LEU A 374 1.35 3.43 6.14
N THR A 375 2.14 3.49 7.20
CA THR A 375 2.68 4.78 7.61
C THR A 375 3.67 5.31 6.57
N VAL A 376 4.69 4.52 6.26
CA VAL A 376 5.73 4.96 5.31
C VAL A 376 5.18 5.32 3.95
N TYR A 377 4.25 4.49 3.52
CA TYR A 377 3.59 4.66 2.19
C TYR A 377 2.47 5.69 2.18
N GLU A 378 1.38 5.39 2.88
CA GLU A 378 0.15 6.20 2.81
CA GLU A 378 0.16 6.21 2.78
C GLU A 378 0.26 7.48 3.58
N LYS A 379 0.75 7.41 4.83
CA LYS A 379 1.01 8.67 5.52
C LYS A 379 2.14 9.43 4.84
N GLY A 380 3.15 8.70 4.35
CA GLY A 380 4.21 9.37 3.58
C GLY A 380 3.67 10.17 2.43
N ALA A 381 2.73 9.59 1.73
CA ALA A 381 2.09 10.36 0.65
C ALA A 381 1.30 11.54 1.09
N GLU A 382 0.56 11.38 2.19
CA GLU A 382 -0.13 12.57 2.75
C GLU A 382 0.82 13.70 3.09
N VAL A 383 2.03 13.36 3.58
CA VAL A 383 2.99 14.37 3.84
C VAL A 383 3.45 15.12 2.56
N ILE A 384 3.72 14.33 1.51
CA ILE A 384 4.05 14.93 0.23
C ILE A 384 2.87 15.84 -0.24
N ARG A 385 1.64 15.32 -0.08
CA ARG A 385 0.47 16.07 -0.47
C ARG A 385 0.31 17.39 0.28
N MET A 386 0.67 17.41 1.58
CA MET A 386 0.73 18.66 2.35
C MET A 386 1.71 19.63 1.77
N ILE A 387 2.89 19.11 1.36
CA ILE A 387 3.84 20.00 0.67
C ILE A 387 3.19 20.60 -0.57
N HIS A 388 2.54 19.73 -1.37
CA HIS A 388 1.81 20.18 -2.56
C HIS A 388 0.76 21.25 -2.20
N THR A 389 0.01 21.00 -1.14
CA THR A 389 -1.01 21.99 -0.70
C THR A 389 -0.37 23.30 -0.31
N LEU A 390 0.75 23.25 0.42
CA LEU A 390 1.41 24.46 0.79
C LEU A 390 2.07 25.24 -0.36
N LEU A 391 2.57 24.55 -1.37
CA LEU A 391 3.35 25.19 -2.45
C LEU A 391 2.55 25.54 -3.64
N GLY A 392 1.52 24.73 -3.95
CA GLY A 392 0.74 24.77 -5.20
C GLY A 392 1.52 24.01 -6.30
N GLU A 393 0.86 23.65 -7.38
CA GLU A 393 1.42 22.76 -8.38
C GLU A 393 2.72 23.30 -8.99
N GLU A 394 2.75 24.59 -9.32
CA GLU A 394 3.86 25.17 -10.04
C GLU A 394 5.13 25.13 -9.17
N ASN A 395 5.03 25.60 -7.95
CA ASN A 395 6.15 25.54 -7.04
C ASN A 395 6.57 24.09 -6.72
N PHE A 396 5.58 23.20 -6.64
CA PHE A 396 5.87 21.80 -6.35
C PHE A 396 6.72 21.18 -7.52
N GLN A 397 6.33 21.44 -8.75
CA GLN A 397 7.07 21.01 -9.92
C GLN A 397 8.46 21.63 -9.96
N LYS A 398 8.58 22.89 -9.60
CA LYS A 398 9.91 23.46 -9.44
C LYS A 398 10.76 22.76 -8.41
N GLY A 399 10.19 22.39 -7.29
CA GLY A 399 10.88 21.60 -6.29
C GLY A 399 11.28 20.22 -6.84
N MET A 400 10.41 19.55 -7.57
CA MET A 400 10.76 18.29 -8.21
C MET A 400 11.99 18.47 -9.16
N GLN A 401 11.95 19.50 -9.96
CA GLN A 401 13.02 19.77 -10.93
C GLN A 401 14.32 20.06 -10.13
N LEU A 402 14.28 20.81 -9.04
CA LEU A 402 15.48 21.09 -8.28
C LEU A 402 16.02 19.81 -7.60
N TYR A 403 15.11 19.00 -7.03
CA TYR A 403 15.44 17.70 -6.44
C TYR A 403 16.22 16.80 -7.44
N PHE A 404 15.71 16.69 -8.64
CA PHE A 404 16.40 15.86 -9.63
C PHE A 404 17.72 16.49 -10.09
N GLU A 405 17.72 17.79 -10.27
CA GLU A 405 18.93 18.51 -10.65
C GLU A 405 20.02 18.29 -9.64
N ARG A 406 19.72 18.38 -8.37
CA ARG A 406 20.72 18.14 -7.37
C ARG A 406 21.09 16.70 -7.16
N HIS A 407 20.14 15.75 -7.23
CA HIS A 407 20.36 14.43 -6.74
C HIS A 407 20.31 13.31 -7.73
N ASP A 408 19.99 13.61 -8.97
CA ASP A 408 20.01 12.59 -10.04
C ASP A 408 21.34 11.82 -10.03
N GLY A 409 21.29 10.51 -9.92
CA GLY A 409 22.50 9.68 -9.96
C GLY A 409 23.01 9.46 -8.58
N SER A 410 22.30 9.82 -7.52
CA SER A 410 22.81 9.59 -6.20
C SER A 410 21.77 9.06 -5.25
N ALA A 411 22.19 8.81 -4.01
CA ALA A 411 21.33 8.33 -2.97
C ALA A 411 21.01 9.54 -2.08
N ALA A 412 19.75 9.87 -1.81
CA ALA A 412 19.43 11.04 -1.06
C ALA A 412 18.64 10.74 0.22
N THR A 413 18.36 11.80 0.97
CA THR A 413 17.60 11.68 2.23
C THR A 413 16.24 12.43 2.10
N CYS A 414 15.35 12.07 3.00
CA CYS A 414 14.09 12.87 3.13
C CYS A 414 14.36 14.35 3.32
N ASP A 415 15.35 14.64 4.17
CA ASP A 415 15.71 16.06 4.39
C ASP A 415 16.19 16.71 3.10
N ASP A 416 16.95 16.01 2.22
CA ASP A 416 17.36 16.62 0.89
C ASP A 416 16.13 17.03 0.05
N PHE A 417 15.14 16.18 0.08
CA PHE A 417 13.88 16.43 -0.66
C PHE A 417 13.12 17.66 -0.15
N VAL A 418 12.97 17.74 1.15
CA VAL A 418 12.31 18.87 1.74
C VAL A 418 13.09 20.14 1.42
N GLN A 419 14.40 20.05 1.53
CA GLN A 419 15.21 21.22 1.19
C GLN A 419 15.07 21.67 -0.25
N ALA A 420 14.96 20.74 -1.19
CA ALA A 420 14.75 21.10 -2.59
C ALA A 420 13.42 21.81 -2.74
N MET A 421 12.38 21.29 -2.09
CA MET A 421 11.08 21.94 -2.19
C MET A 421 11.12 23.37 -1.62
N GLU A 422 11.76 23.54 -0.48
CA GLU A 422 11.89 24.87 0.20
C GLU A 422 12.71 25.85 -0.68
N ASP A 423 13.86 25.37 -1.18
CA ASP A 423 14.73 26.22 -1.96
C ASP A 423 14.10 26.59 -3.27
N ALA A 424 13.37 25.71 -3.95
CA ALA A 424 12.79 26.09 -5.22
C ALA A 424 11.58 27.00 -5.04
N SER A 425 10.80 26.81 -3.97
CA SER A 425 9.51 27.51 -3.80
C SER A 425 9.62 28.82 -3.00
N ASN A 426 10.65 28.96 -2.21
CA ASN A 426 10.77 29.95 -1.20
C ASN A 426 9.72 29.81 -0.11
N VAL A 427 9.12 28.62 0.06
CA VAL A 427 8.22 28.42 1.24
C VAL A 427 9.06 27.83 2.34
N ASP A 428 8.96 28.40 3.53
CA ASP A 428 9.71 27.84 4.67
C ASP A 428 9.10 26.51 5.18
N LEU A 429 9.87 25.42 5.13
CA LEU A 429 9.45 24.13 5.59
C LEU A 429 10.23 23.67 6.77
N SER A 430 10.86 24.57 7.54
CA SER A 430 11.61 24.15 8.72
CA SER A 430 11.62 24.17 8.72
C SER A 430 10.74 23.48 9.76
N HIS A 431 9.63 24.09 10.05
CA HIS A 431 8.66 23.47 11.02
C HIS A 431 8.02 22.19 10.42
N PHE A 432 7.71 22.26 9.14
CA PHE A 432 7.05 21.17 8.40
C PHE A 432 7.83 19.88 8.51
N ARG A 433 9.17 19.99 8.59
CA ARG A 433 10.04 18.81 8.70
C ARG A 433 9.73 17.95 9.86
N ARG A 434 9.08 18.50 10.90
CA ARG A 434 8.68 17.65 12.02
C ARG A 434 7.71 16.54 11.71
N TRP A 435 6.97 16.64 10.61
CA TRP A 435 6.15 15.49 10.17
C TRP A 435 6.97 14.23 9.86
N TYR A 436 8.25 14.41 9.48
CA TYR A 436 9.13 13.26 9.30
C TYR A 436 9.62 12.59 10.58
N SER A 437 9.71 13.34 11.68
CA SER A 437 10.35 12.85 12.89
CA SER A 437 10.34 12.89 12.92
C SER A 437 9.35 12.43 13.95
N GLN A 438 8.06 12.81 13.79
CA GLN A 438 7.04 12.58 14.83
C GLN A 438 6.02 11.59 14.44
N SER A 439 5.83 10.59 15.29
CA SER A 439 4.84 9.58 15.02
C SER A 439 3.47 10.00 15.65
N GLY A 440 2.46 9.25 15.35
CA GLY A 440 1.13 9.41 15.95
C GLY A 440 0.23 10.33 15.10
N THR A 441 -1.07 10.25 15.33
CA THR A 441 -2.04 11.04 14.62
C THR A 441 -2.36 12.30 15.48
N PRO A 442 -2.12 13.48 14.94
CA PRO A 442 -2.56 14.70 15.60
C PRO A 442 -4.09 14.79 15.64
N ILE A 443 -4.57 15.39 16.73
CA ILE A 443 -6.01 15.62 16.95
C ILE A 443 -6.16 17.12 16.90
N VAL A 444 -6.93 17.60 15.92
CA VAL A 444 -7.16 19.03 15.79
C VAL A 444 -8.59 19.33 16.31
N THR A 445 -8.67 20.25 17.27
CA THR A 445 -9.98 20.68 17.89
C THR A 445 -10.33 22.07 17.44
N VAL A 446 -11.55 22.25 16.96
CA VAL A 446 -11.96 23.49 16.38
C VAL A 446 -13.24 23.96 17.19
N LYS A 447 -13.16 25.16 17.70
CA LYS A 447 -14.35 25.85 18.26
C LYS A 447 -14.58 27.13 17.48
N ASP A 448 -15.83 27.54 17.36
CA ASP A 448 -16.13 28.68 16.55
C ASP A 448 -17.16 29.61 17.20
N ASP A 449 -17.17 30.80 16.71
CA ASP A 449 -18.09 31.87 17.19
C ASP A 449 -18.52 32.75 16.00
N TYR A 450 -19.80 33.08 15.91
CA TYR A 450 -20.27 34.08 14.94
C TYR A 450 -20.74 35.30 15.71
N ASN A 451 -20.24 36.47 15.31
CA ASN A 451 -20.60 37.73 15.95
C ASN A 451 -21.40 38.58 14.98
N PRO A 452 -22.73 38.59 15.18
CA PRO A 452 -23.55 39.25 14.20
C PRO A 452 -23.39 40.79 14.25
N GLU A 453 -22.98 41.33 15.38
CA GLU A 453 -22.73 42.77 15.42
C GLU A 453 -21.57 43.23 14.51
N THR A 454 -20.49 42.47 14.42
CA THR A 454 -19.31 42.81 13.60
C THR A 454 -19.18 42.02 12.33
N GLU A 455 -20.10 41.11 12.11
CA GLU A 455 -20.03 40.20 10.98
C GLU A 455 -18.65 39.46 10.90
N GLN A 456 -18.21 39.01 12.06
CA GLN A 456 -16.95 38.25 12.20
C GLN A 456 -17.23 36.83 12.60
N TYR A 457 -16.47 35.92 11.97
CA TYR A 457 -16.45 34.52 12.33
C TYR A 457 -15.09 34.19 12.90
N THR A 458 -15.08 33.66 14.10
CA THR A 458 -13.87 33.32 14.79
C THR A 458 -13.70 31.82 14.91
N LEU A 459 -12.51 31.32 14.55
CA LEU A 459 -12.13 29.88 14.66
CA LEU A 459 -12.16 29.90 14.64
C LEU A 459 -10.98 29.79 15.61
N THR A 460 -11.16 29.05 16.71
CA THR A 460 -10.08 28.76 17.61
C THR A 460 -9.71 27.31 17.39
N ILE A 461 -8.49 27.11 16.91
CA ILE A 461 -7.99 25.75 16.54
C ILE A 461 -6.82 25.37 17.44
N SER A 462 -6.91 24.17 17.97
CA SER A 462 -5.88 23.63 18.81
CA SER A 462 -5.95 23.59 18.87
C SER A 462 -5.47 22.29 18.27
N GLN A 463 -4.23 21.91 18.59
CA GLN A 463 -3.71 20.60 18.26
C GLN A 463 -2.99 19.95 19.38
N ARG A 464 -3.03 18.64 19.36
CA ARG A 464 -2.26 17.81 20.30
C ARG A 464 -2.00 16.47 19.61
N THR A 465 -0.82 15.94 19.79
CA THR A 465 -0.59 14.55 19.44
C THR A 465 -0.34 13.77 20.74
N PRO A 466 -1.14 12.77 21.01
CA PRO A 466 -0.90 11.94 22.13
C PRO A 466 0.42 11.23 22.04
N ALA A 467 1.01 10.95 23.20
CA ALA A 467 2.18 10.07 23.24
C ALA A 467 1.86 8.74 22.55
N THR A 468 2.88 8.22 21.90
CA THR A 468 2.80 6.92 21.30
C THR A 468 3.78 5.95 21.97
N PRO A 469 3.67 4.67 21.68
CA PRO A 469 4.58 3.70 22.33
C PRO A 469 6.05 3.93 22.06
N ASP A 470 6.39 4.53 20.91
CA ASP A 470 7.74 4.80 20.53
C ASP A 470 8.24 6.19 20.93
N GLN A 471 7.38 7.13 21.28
CA GLN A 471 7.81 8.48 21.55
C GLN A 471 6.99 9.12 22.68
N ALA A 472 7.71 9.53 23.72
CA ALA A 472 7.10 10.17 24.86
C ALA A 472 6.98 11.66 24.66
N GLU A 473 7.71 12.26 23.74
CA GLU A 473 7.67 13.66 23.58
C GLU A 473 7.02 14.01 22.25
N LYS A 474 6.06 14.92 22.27
CA LYS A 474 5.39 15.37 21.10
C LYS A 474 5.33 16.88 21.02
N GLN A 475 5.35 17.43 19.80
CA GLN A 475 5.29 18.83 19.60
C GLN A 475 4.27 19.23 18.58
N PRO A 476 3.89 20.52 18.54
CA PRO A 476 3.02 20.93 17.47
C PRO A 476 3.63 20.84 16.09
N LEU A 477 2.77 20.54 15.14
CA LEU A 477 3.13 20.41 13.72
C LEU A 477 2.65 21.57 12.89
N HIS A 478 3.22 21.71 11.69
CA HIS A 478 2.71 22.67 10.71
C HIS A 478 1.60 22.00 9.92
N ILE A 479 0.36 22.29 10.31
CA ILE A 479 -0.82 21.66 9.76
C ILE A 479 -1.53 22.55 8.79
N PRO A 480 -1.54 22.19 7.50
CA PRO A 480 -2.29 22.94 6.50
C PRO A 480 -3.79 22.59 6.68
N PHE A 481 -4.59 23.59 7.06
CA PHE A 481 -6.00 23.34 7.49
C PHE A 481 -6.95 24.11 6.58
N ALA A 482 -7.44 23.45 5.56
CA ALA A 482 -8.24 24.07 4.52
C ALA A 482 -9.72 24.21 4.96
N ILE A 483 -10.25 25.39 4.75
CA ILE A 483 -11.63 25.66 5.15
C ILE A 483 -12.42 26.25 4.01
N GLU A 484 -13.74 26.13 4.12
CA GLU A 484 -14.65 26.91 3.27
C GLU A 484 -15.91 27.24 4.11
N LEU A 485 -16.44 28.43 3.94
CA LEU A 485 -17.61 28.95 4.74
C LEU A 485 -18.81 29.12 3.81
N TYR A 486 -19.96 28.53 4.17
CA TYR A 486 -21.17 28.51 3.33
C TYR A 486 -22.26 29.37 3.97
N ASP A 487 -22.93 30.19 3.16
CA ASP A 487 -24.08 30.97 3.65
C ASP A 487 -25.34 30.13 3.59
N ASN A 488 -26.47 30.73 3.94
CA ASN A 488 -27.70 29.94 4.03
C ASN A 488 -28.25 29.49 2.71
N GLU A 489 -27.78 30.03 1.61
CA GLU A 489 -28.14 29.53 0.31
C GLU A 489 -27.18 28.52 -0.23
N GLY A 490 -26.16 28.15 0.55
CA GLY A 490 -25.18 27.19 0.01
C GLY A 490 -24.09 27.80 -0.86
N LYS A 491 -23.89 29.09 -0.76
CA LYS A 491 -22.86 29.77 -1.54
C LYS A 491 -21.69 30.02 -0.67
N VAL A 492 -20.51 30.08 -1.29
CA VAL A 492 -19.31 30.26 -0.60
C VAL A 492 -19.14 31.68 -0.16
N ILE A 493 -18.80 31.91 1.09
CA ILE A 493 -18.55 33.23 1.62
C ILE A 493 -17.05 33.55 1.41
N PRO A 494 -16.72 34.67 0.72
CA PRO A 494 -15.27 34.99 0.54
C PRO A 494 -14.60 35.15 1.87
N LEU A 495 -13.43 34.55 2.00
CA LEU A 495 -12.64 34.74 3.21
C LEU A 495 -11.77 35.96 3.14
N GLN A 496 -11.85 36.80 4.14
CA GLN A 496 -11.17 38.08 4.16
C GLN A 496 -11.03 38.58 5.53
N LYS A 497 -10.06 39.44 5.71
CA LYS A 497 -9.79 40.06 6.98
C LYS A 497 -9.24 41.49 6.70
N GLY A 498 -9.78 42.51 7.40
CA GLY A 498 -9.34 43.91 7.29
C GLY A 498 -9.23 44.46 5.90
N GLY A 499 -10.18 44.09 5.05
CA GLY A 499 -10.23 44.48 3.67
C GLY A 499 -9.30 43.70 2.74
N HIS A 500 -8.85 42.50 3.10
CA HIS A 500 -7.91 41.77 2.25
C HIS A 500 -8.36 40.29 2.17
N PRO A 501 -8.31 39.66 0.99
CA PRO A 501 -8.56 38.20 0.90
C PRO A 501 -7.56 37.42 1.75
N VAL A 502 -7.98 36.27 2.25
CA VAL A 502 -7.21 35.43 3.13
C VAL A 502 -7.21 34.09 2.41
N ASN A 503 -6.06 33.43 2.43
CA ASN A 503 -5.95 32.15 1.82
C ASN A 503 -6.79 31.13 2.66
N SER A 504 -7.51 30.26 2.01
CA SER A 504 -8.41 29.31 2.72
C SER A 504 -7.63 28.07 3.27
N VAL A 505 -6.33 27.95 2.93
CA VAL A 505 -5.42 27.00 3.63
C VAL A 505 -4.82 27.68 4.81
N LEU A 506 -5.36 27.44 6.01
CA LEU A 506 -4.81 28.08 7.16
C LEU A 506 -3.55 27.35 7.64
N ASN A 507 -2.57 28.11 8.08
CA ASN A 507 -1.39 27.54 8.71
C ASN A 507 -1.56 27.36 10.19
N VAL A 508 -1.91 26.16 10.62
CA VAL A 508 -2.09 25.85 12.02
C VAL A 508 -0.72 25.33 12.48
N THR A 509 0.05 26.19 13.14
CA THR A 509 1.42 25.88 13.58
C THR A 509 1.66 25.91 15.04
N GLN A 510 0.63 26.33 15.81
CA GLN A 510 0.76 26.46 17.26
CA GLN A 510 0.75 26.45 17.25
C GLN A 510 -0.09 25.42 17.95
N ALA A 511 0.13 25.23 19.24
CA ALA A 511 -0.75 24.39 20.08
C ALA A 511 -2.19 24.94 20.06
N GLU A 512 -2.32 26.27 20.00
CA GLU A 512 -3.63 26.89 19.99
C GLU A 512 -3.53 28.20 19.31
N GLN A 513 -4.44 28.52 18.41
CA GLN A 513 -4.45 29.83 17.82
C GLN A 513 -5.85 30.18 17.34
N THR A 514 -6.06 31.46 17.09
CA THR A 514 -7.34 31.97 16.64
C THR A 514 -7.22 32.65 15.33
N PHE A 515 -8.19 32.42 14.47
CA PHE A 515 -8.31 33.08 13.23
C PHE A 515 -9.64 33.86 13.19
N VAL A 516 -9.60 35.10 12.71
CA VAL A 516 -10.78 35.97 12.59
C VAL A 516 -11.03 36.37 11.16
N PHE A 517 -12.26 36.16 10.71
CA PHE A 517 -12.66 36.45 9.35
C PHE A 517 -13.74 37.54 9.44
N ASP A 518 -13.75 38.49 8.49
CA ASP A 518 -14.60 39.68 8.46
CA ASP A 518 -14.76 39.52 8.57
C ASP A 518 -15.54 39.55 7.31
N ASN A 519 -16.52 40.44 7.26
CA ASN A 519 -17.47 40.48 6.17
C ASN A 519 -18.21 39.14 6.02
N VAL A 520 -18.42 38.46 7.16
CA VAL A 520 -19.14 37.15 7.14
C VAL A 520 -20.62 37.53 7.36
N TYR A 521 -21.30 37.69 6.26
CA TYR A 521 -22.61 38.37 6.21
C TYR A 521 -23.78 37.47 6.68
N PHE A 522 -23.51 36.18 6.90
CA PHE A 522 -24.47 35.26 7.49
C PHE A 522 -23.74 34.24 8.35
N GLN A 523 -24.38 33.74 9.41
CA GLN A 523 -23.83 32.71 10.25
C GLN A 523 -23.46 31.50 9.36
N PRO A 524 -22.17 31.20 9.26
CA PRO A 524 -21.79 30.22 8.27
C PRO A 524 -21.96 28.75 8.71
N VAL A 525 -22.08 27.89 7.75
CA VAL A 525 -21.80 26.46 7.95
C VAL A 525 -20.38 26.18 7.38
N PRO A 526 -19.43 25.79 8.22
CA PRO A 526 -18.06 25.54 7.75
C PRO A 526 -17.87 24.13 7.17
N ALA A 527 -17.04 24.05 6.12
CA ALA A 527 -16.40 22.81 5.72
C ALA A 527 -14.97 22.93 6.24
N LEU A 528 -14.56 21.95 6.99
CA LEU A 528 -13.35 21.99 7.77
C LEU A 528 -12.43 20.80 7.26
N LEU A 529 -11.13 21.06 7.21
CA LEU A 529 -10.12 20.06 6.72
C LEU A 529 -10.52 19.58 5.35
N CYS A 530 -10.82 20.53 4.47
CA CYS A 530 -11.29 20.16 3.13
C CYS A 530 -10.24 19.29 2.36
N GLU A 531 -10.76 18.31 1.65
CA GLU A 531 -10.00 17.29 0.87
CA GLU A 531 -9.94 17.37 0.90
C GLU A 531 -8.96 16.59 1.80
N PHE A 532 -9.27 16.52 3.10
CA PHE A 532 -8.43 15.89 4.12
C PHE A 532 -7.01 16.52 4.01
N SER A 533 -6.97 17.81 4.26
CA SER A 533 -5.83 18.66 3.94
C SER A 533 -4.61 18.33 4.81
N ALA A 534 -4.83 17.64 5.92
CA ALA A 534 -3.73 17.13 6.77
C ALA A 534 -4.19 15.82 7.39
N PRO A 535 -3.25 14.92 7.73
CA PRO A 535 -3.63 13.57 8.21
C PRO A 535 -3.89 13.57 9.71
N VAL A 536 -5.08 14.07 10.05
CA VAL A 536 -5.41 14.43 11.46
C VAL A 536 -6.81 13.98 11.81
N LYS A 537 -7.08 13.76 13.09
CA LYS A 537 -8.45 13.56 13.55
C LYS A 537 -9.04 14.95 13.82
N LEU A 538 -10.27 15.20 13.44
CA LEU A 538 -10.90 16.51 13.60
C LEU A 538 -11.93 16.40 14.76
N GLU A 539 -11.88 17.28 15.75
CA GLU A 539 -12.92 17.36 16.82
C GLU A 539 -13.65 18.66 16.65
N TYR A 540 -14.84 18.57 16.12
CA TYR A 540 -15.68 19.77 15.99
C TYR A 540 -17.10 19.28 16.26
N LYS A 541 -17.91 20.09 16.92
CA LYS A 541 -19.28 19.64 17.35
C LYS A 541 -20.30 19.99 16.30
N TRP A 542 -20.38 19.18 15.25
CA TRP A 542 -21.29 19.38 14.14
C TRP A 542 -22.71 19.11 14.67
N SER A 543 -23.70 19.81 14.14
CA SER A 543 -25.08 19.34 14.23
C SER A 543 -25.35 18.46 13.03
N ASP A 544 -26.35 17.60 13.14
CA ASP A 544 -26.73 16.77 12.05
C ASP A 544 -27.16 17.62 10.81
N GLN A 545 -27.75 18.77 11.10
CA GLN A 545 -28.23 19.58 9.99
CA GLN A 545 -28.25 19.75 10.12
C GLN A 545 -27.10 20.36 9.30
N GLN A 546 -26.04 20.74 10.00
CA GLN A 546 -24.81 21.25 9.33
C GLN A 546 -24.32 20.14 8.36
N LEU A 547 -24.34 18.89 8.77
CA LEU A 547 -23.78 17.78 7.98
C LEU A 547 -24.66 17.50 6.76
N THR A 548 -26.00 17.51 6.91
CA THR A 548 -26.85 17.23 5.77
C THR A 548 -26.84 18.43 4.79
N PHE A 549 -26.65 19.59 5.34
CA PHE A 549 -26.42 20.78 4.56
C PHE A 549 -25.16 20.64 3.65
N LEU A 550 -24.05 20.22 4.25
CA LEU A 550 -22.83 20.00 3.47
C LEU A 550 -22.98 18.91 2.45
N MET A 551 -23.73 17.85 2.78
CA MET A 551 -23.96 16.77 1.84
C MET A 551 -24.65 17.28 0.57
N ARG A 552 -25.45 18.32 0.76
CA ARG A 552 -26.17 18.89 -0.33
C ARG A 552 -25.40 20.00 -1.03
N HIS A 553 -24.71 20.87 -0.31
CA HIS A 553 -24.16 22.05 -0.87
C HIS A 553 -22.66 22.12 -1.04
N ALA A 554 -21.90 21.25 -0.39
CA ALA A 554 -20.47 21.54 -0.36
C ALA A 554 -19.89 21.45 -1.80
N ARG A 555 -18.96 22.31 -2.11
CA ARG A 555 -18.46 22.39 -3.53
C ARG A 555 -17.65 21.19 -4.00
N ASN A 556 -16.80 20.68 -3.13
CA ASN A 556 -16.04 19.49 -3.44
C ASN A 556 -16.75 18.24 -2.98
N ASP A 557 -16.74 17.28 -3.87
CA ASP A 557 -17.37 16.01 -3.68
C ASP A 557 -16.82 15.30 -2.48
N PHE A 558 -15.55 15.52 -2.16
CA PHE A 558 -14.99 14.86 -1.03
C PHE A 558 -15.70 15.26 0.27
N SER A 559 -15.94 16.56 0.41
CA SER A 559 -16.59 17.12 1.57
C SER A 559 -18.01 16.62 1.73
N ARG A 560 -18.69 16.41 0.61
CA ARG A 560 -20.04 15.80 0.67
C ARG A 560 -20.03 14.40 1.28
N TRP A 561 -19.09 13.57 0.83
CA TRP A 561 -18.90 12.21 1.34
C TRP A 561 -18.49 12.32 2.79
N ASP A 562 -17.52 13.16 3.10
CA ASP A 562 -16.95 13.19 4.44
C ASP A 562 -18.04 13.64 5.48
N ALA A 563 -18.87 14.60 5.09
CA ALA A 563 -20.01 15.03 5.93
C ALA A 563 -20.95 13.85 6.26
N ALA A 564 -21.23 13.04 5.29
CA ALA A 564 -21.98 11.83 5.46
C ALA A 564 -21.31 10.87 6.41
N GLN A 565 -19.99 10.82 6.40
CA GLN A 565 -19.23 9.96 7.32
C GLN A 565 -19.37 10.47 8.75
N SER A 566 -19.29 11.74 8.91
CA SER A 566 -19.42 12.33 10.23
C SER A 566 -20.89 12.11 10.73
N LEU A 567 -21.86 12.18 9.82
CA LEU A 567 -23.27 11.98 10.17
C LEU A 567 -23.44 10.55 10.68
N LEU A 568 -22.83 9.58 10.00
CA LEU A 568 -22.97 8.22 10.38
C LEU A 568 -22.22 7.94 11.69
N ALA A 569 -21.04 8.53 11.85
CA ALA A 569 -20.20 8.20 12.99
C ALA A 569 -20.95 8.29 14.34
N THR A 570 -21.60 9.41 14.53
CA THR A 570 -22.43 9.63 15.76
C THR A 570 -23.38 8.46 16.06
N TYR A 571 -24.05 7.97 15.02
CA TYR A 571 -25.06 6.93 15.15
C TYR A 571 -24.47 5.53 15.18
N ILE A 572 -23.27 5.36 14.63
CA ILE A 572 -22.49 4.15 14.87
C ILE A 572 -22.09 4.03 16.30
N LYS A 573 -21.58 5.11 16.87
CA LYS A 573 -21.19 5.11 18.27
C LYS A 573 -22.44 4.82 19.18
N LEU A 574 -23.57 5.49 18.88
CA LEU A 574 -24.81 5.25 19.64
C LEU A 574 -25.16 3.80 19.63
N ASN A 575 -25.18 3.26 18.42
CA ASN A 575 -25.65 1.90 18.22
C ASN A 575 -24.74 0.79 18.74
N VAL A 576 -23.43 1.02 18.79
CA VAL A 576 -22.54 0.08 19.48
C VAL A 576 -22.87 0.08 20.99
N ALA A 577 -23.06 1.24 21.56
CA ALA A 577 -23.47 1.32 23.02
C ALA A 577 -24.81 0.58 23.28
N ARG A 578 -25.79 0.74 22.38
CA ARG A 578 -27.05 0.08 22.43
C ARG A 578 -26.91 -1.43 22.30
N HIS A 579 -26.11 -1.87 21.33
CA HIS A 579 -25.79 -3.30 21.19
C HIS A 579 -25.29 -3.92 22.48
N GLN A 580 -24.37 -3.27 23.12
CA GLN A 580 -23.80 -3.76 24.36
C GLN A 580 -24.86 -3.79 25.48
N GLN A 581 -25.98 -3.07 25.37
CA GLN A 581 -27.10 -3.23 26.36
C GLN A 581 -28.24 -4.08 25.91
N GLY A 582 -28.07 -4.78 24.80
CA GLY A 582 -29.10 -5.54 24.19
C GLY A 582 -30.27 -4.82 23.59
N GLN A 583 -30.05 -3.62 23.07
CA GLN A 583 -31.13 -2.90 22.56
C GLN A 583 -31.10 -2.91 21.03
N PRO A 584 -32.24 -2.78 20.41
CA PRO A 584 -32.16 -2.72 18.93
C PRO A 584 -31.65 -1.35 18.41
N LEU A 585 -31.38 -1.33 17.13
CA LEU A 585 -30.88 -0.12 16.48
C LEU A 585 -31.83 1.04 16.60
N SER A 586 -31.26 2.24 16.82
CA SER A 586 -32.06 3.44 16.81
C SER A 586 -31.38 4.45 15.86
N LEU A 587 -32.16 5.11 15.03
CA LEU A 587 -31.61 6.03 14.02
C LEU A 587 -32.67 7.09 13.69
N PRO A 588 -32.37 8.37 13.88
CA PRO A 588 -33.38 9.38 13.55
C PRO A 588 -33.72 9.39 12.09
N VAL A 589 -34.98 9.65 11.78
CA VAL A 589 -35.40 9.51 10.39
C VAL A 589 -34.66 10.46 9.43
N HIS A 590 -34.23 11.58 9.93
CA HIS A 590 -33.55 12.57 9.06
C HIS A 590 -32.19 12.03 8.50
N VAL A 591 -31.62 11.03 9.15
CA VAL A 591 -30.46 10.33 8.62
C VAL A 591 -30.82 9.48 7.42
N ALA A 592 -31.80 8.61 7.56
CA ALA A 592 -32.32 7.80 6.42
C ALA A 592 -32.68 8.73 5.23
N ASP A 593 -33.28 9.85 5.57
CA ASP A 593 -33.70 10.81 4.56
C ASP A 593 -32.53 11.42 3.80
N ALA A 594 -31.40 11.69 4.47
CA ALA A 594 -30.23 12.22 3.80
C ALA A 594 -29.71 11.24 2.76
N PHE A 595 -29.74 9.95 3.06
CA PHE A 595 -29.37 8.92 2.14
C PHE A 595 -30.39 8.69 1.05
N ARG A 596 -31.65 8.85 1.36
CA ARG A 596 -32.69 8.78 0.30
C ARG A 596 -32.46 9.92 -0.71
N ALA A 597 -32.19 11.12 -0.25
CA ALA A 597 -31.91 12.24 -1.11
C ALA A 597 -30.72 11.98 -2.06
N VAL A 598 -29.66 11.35 -1.55
CA VAL A 598 -28.51 10.96 -2.40
C VAL A 598 -28.91 9.99 -3.48
N LEU A 599 -29.66 8.96 -3.11
CA LEU A 599 -30.12 7.98 -4.06
C LEU A 599 -31.00 8.55 -5.19
N LEU A 600 -31.77 9.58 -4.92
CA LEU A 600 -32.71 10.16 -5.85
C LEU A 600 -32.20 11.45 -6.47
N ASP A 601 -31.04 11.96 -6.09
CA ASP A 601 -30.50 13.15 -6.71
C ASP A 601 -30.04 12.83 -8.15
N GLU A 602 -30.71 13.42 -9.13
CA GLU A 602 -30.34 13.22 -10.54
C GLU A 602 -29.05 13.92 -10.95
N LYS A 603 -28.63 14.96 -10.25
CA LYS A 603 -27.43 15.69 -10.62
C LYS A 603 -26.14 15.10 -10.02
N ILE A 604 -26.23 14.33 -8.94
CA ILE A 604 -25.04 13.78 -8.33
C ILE A 604 -24.32 12.75 -9.20
N ASP A 605 -23.03 12.82 -9.22
CA ASP A 605 -22.26 11.79 -9.92
C ASP A 605 -22.48 10.43 -9.27
N PRO A 606 -22.86 9.42 -10.05
CA PRO A 606 -23.08 8.10 -9.50
C PRO A 606 -21.85 7.57 -8.72
N ALA A 607 -20.66 7.99 -9.13
CA ALA A 607 -19.44 7.58 -8.38
C ALA A 607 -19.44 8.07 -6.92
N LEU A 608 -19.81 9.33 -6.77
CA LEU A 608 -19.95 9.92 -5.47
C LEU A 608 -21.10 9.28 -4.71
N ALA A 609 -22.27 9.09 -5.33
CA ALA A 609 -23.36 8.42 -4.66
C ALA A 609 -22.99 7.07 -4.13
N ALA A 610 -22.24 6.32 -4.94
CA ALA A 610 -21.88 5.01 -4.58
C ALA A 610 -21.01 5.02 -3.29
N GLU A 611 -20.11 6.00 -3.19
CA GLU A 611 -19.22 6.05 -2.03
C GLU A 611 -20.00 6.49 -0.78
N ILE A 612 -20.92 7.44 -0.91
CA ILE A 612 -21.81 7.81 0.20
C ILE A 612 -22.63 6.59 0.68
N LEU A 613 -23.07 5.74 -0.24
CA LEU A 613 -23.83 4.53 0.04
C LEU A 613 -22.98 3.31 0.41
N THR A 614 -21.66 3.50 0.57
CA THR A 614 -20.82 2.41 0.97
C THR A 614 -20.56 2.77 2.48
N LEU A 615 -21.05 1.92 3.43
CA LEU A 615 -20.89 2.22 4.81
C LEU A 615 -19.40 2.10 5.17
N PRO A 616 -18.97 2.84 6.17
CA PRO A 616 -17.62 2.63 6.73
C PRO A 616 -17.35 1.20 7.00
N SER A 617 -16.14 0.74 6.73
CA SER A 617 -15.80 -0.62 7.05
C SER A 617 -15.70 -0.82 8.58
N VAL A 618 -15.62 -2.07 9.00
CA VAL A 618 -15.41 -2.41 10.42
C VAL A 618 -14.11 -1.84 10.94
N ASN A 619 -13.12 -1.66 10.06
CA ASN A 619 -11.90 -0.98 10.47
C ASN A 619 -11.99 0.45 10.67
N GLU A 620 -12.69 1.13 9.78
CA GLU A 620 -12.94 2.50 9.97
C GLU A 620 -13.80 2.76 11.22
N MET A 621 -14.82 1.92 11.41
CA MET A 621 -15.71 2.04 12.60
C MET A 621 -14.91 1.84 13.87
N ALA A 622 -13.99 0.87 13.87
CA ALA A 622 -13.11 0.64 15.07
C ALA A 622 -12.37 1.87 15.56
N GLU A 623 -12.01 2.74 14.63
CA GLU A 623 -11.17 3.91 14.94
C GLU A 623 -12.00 4.94 15.72
N LEU A 624 -13.33 4.76 15.78
CA LEU A 624 -14.18 5.67 16.56
C LEU A 624 -14.13 5.37 18.07
N PHE A 625 -13.53 4.27 18.50
CA PHE A 625 -13.69 3.78 19.85
C PHE A 625 -12.35 3.63 20.57
N ASP A 626 -12.30 3.98 21.85
CA ASP A 626 -11.08 3.74 22.70
C ASP A 626 -10.89 2.28 22.97
N ILE A 627 -11.96 1.53 23.20
CA ILE A 627 -11.87 0.14 23.35
C ILE A 627 -12.76 -0.47 22.31
N ILE A 628 -12.21 -1.35 21.47
CA ILE A 628 -12.96 -1.88 20.37
C ILE A 628 -13.80 -3.03 20.83
N ASP A 629 -15.09 -3.04 20.50
CA ASP A 629 -15.88 -4.25 20.57
C ASP A 629 -16.20 -4.74 19.16
N PRO A 630 -15.49 -5.77 18.70
CA PRO A 630 -15.56 -6.11 17.28
C PRO A 630 -16.80 -6.81 16.94
N ILE A 631 -17.36 -7.51 17.93
CA ILE A 631 -18.68 -8.12 17.69
C ILE A 631 -19.77 -7.11 17.55
N ALA A 632 -19.79 -6.15 18.46
CA ALA A 632 -20.85 -5.14 18.42
C ALA A 632 -20.67 -4.36 17.12
N ILE A 633 -19.42 -3.99 16.78
CA ILE A 633 -19.25 -3.22 15.50
C ILE A 633 -19.80 -3.96 14.27
N ALA A 634 -19.48 -5.23 14.15
CA ALA A 634 -19.97 -6.05 13.03
C ALA A 634 -21.46 -6.14 12.97
N GLU A 635 -22.08 -6.35 14.15
CA GLU A 635 -23.53 -6.45 14.21
C GLU A 635 -24.20 -5.17 13.95
N VAL A 636 -23.63 -4.06 14.40
CA VAL A 636 -24.22 -2.75 14.10
C VAL A 636 -24.10 -2.42 12.61
N ARG A 637 -22.97 -2.77 11.99
CA ARG A 637 -22.85 -2.56 10.53
C ARG A 637 -23.97 -3.28 9.77
N GLU A 638 -24.17 -4.52 10.14
CA GLU A 638 -25.24 -5.32 9.56
C GLU A 638 -26.63 -4.72 9.80
N ALA A 639 -26.86 -4.31 11.03
CA ALA A 639 -28.22 -3.78 11.40
C ALA A 639 -28.46 -2.47 10.69
N LEU A 640 -27.42 -1.64 10.59
CA LEU A 640 -27.57 -0.36 9.85
C LEU A 640 -27.91 -0.66 8.35
N THR A 641 -27.23 -1.67 7.80
CA THR A 641 -27.46 -2.11 6.44
C THR A 641 -28.93 -2.56 6.30
N ARG A 642 -29.40 -3.42 7.21
CA ARG A 642 -30.81 -3.92 7.20
C ARG A 642 -31.81 -2.81 7.31
N THR A 643 -31.56 -1.89 8.20
CA THR A 643 -32.47 -0.75 8.40
C THR A 643 -32.57 0.14 7.21
N LEU A 644 -31.46 0.49 6.61
CA LEU A 644 -31.50 1.30 5.41
C LEU A 644 -32.16 0.54 4.25
N ALA A 645 -31.88 -0.76 4.13
CA ALA A 645 -32.47 -1.55 3.10
C ALA A 645 -33.99 -1.55 3.17
N THR A 646 -34.52 -1.68 4.38
CA THR A 646 -35.96 -1.58 4.65
C THR A 646 -36.52 -0.21 4.39
N GLU A 647 -35.92 0.83 4.96
CA GLU A 647 -36.39 2.17 4.76
CA GLU A 647 -36.43 2.16 4.74
C GLU A 647 -36.31 2.65 3.31
N LEU A 648 -35.27 2.23 2.57
CA LEU A 648 -35.00 2.78 1.22
C LEU A 648 -35.28 1.78 0.12
N ALA A 649 -36.04 0.74 0.41
CA ALA A 649 -36.18 -0.42 -0.45
C ALA A 649 -36.63 -0.06 -1.87
N ASP A 650 -37.65 0.78 -1.99
CA ASP A 650 -38.18 1.10 -3.33
C ASP A 650 -37.13 1.89 -4.13
N GLU A 651 -36.47 2.83 -3.45
CA GLU A 651 -35.51 3.71 -4.06
C GLU A 651 -34.27 2.90 -4.54
N LEU A 652 -33.83 2.00 -3.68
CA LEU A 652 -32.69 1.13 -3.92
C LEU A 652 -32.96 0.28 -5.15
N LEU A 653 -34.18 -0.29 -5.23
CA LEU A 653 -34.48 -1.12 -6.38
C LEU A 653 -34.58 -0.28 -7.66
N ALA A 654 -35.10 0.92 -7.58
CA ALA A 654 -35.25 1.75 -8.73
C ALA A 654 -33.83 2.10 -9.28
N ILE A 655 -32.92 2.50 -8.38
CA ILE A 655 -31.58 2.87 -8.79
C ILE A 655 -30.79 1.67 -9.31
N TYR A 656 -30.95 0.52 -8.66
CA TYR A 656 -30.39 -0.72 -9.16
C TYR A 656 -30.75 -0.95 -10.61
N ASN A 657 -32.06 -0.86 -10.92
CA ASN A 657 -32.52 -1.08 -12.31
C ASN A 657 -32.14 0.03 -13.24
N ALA A 658 -32.07 1.27 -12.80
CA ALA A 658 -31.78 2.33 -13.70
C ALA A 658 -30.28 2.31 -14.13
N ASN A 659 -29.41 1.65 -13.35
CA ASN A 659 -27.97 1.62 -13.63
C ASN A 659 -27.50 0.38 -14.31
N TYR A 660 -28.44 -0.50 -14.68
CA TYR A 660 -28.19 -1.62 -15.60
C TYR A 660 -27.45 -1.15 -16.87
N GLN A 661 -26.44 -1.90 -17.22
CA GLN A 661 -25.60 -1.65 -18.43
C GLN A 661 -25.45 -3.01 -19.15
N SER A 662 -25.83 -3.07 -20.41
CA SER A 662 -25.69 -4.35 -21.14
C SER A 662 -24.22 -4.61 -21.56
N GLU A 663 -23.54 -3.58 -22.01
CA GLU A 663 -22.11 -3.74 -22.37
C GLU A 663 -21.23 -3.56 -21.11
N TYR A 664 -20.11 -4.30 -21.03
CA TYR A 664 -19.07 -4.07 -20.02
C TYR A 664 -17.92 -3.26 -20.58
N ARG A 665 -17.61 -2.13 -19.92
CA ARG A 665 -16.46 -1.35 -20.30
C ARG A 665 -15.68 -0.95 -19.02
N VAL A 666 -14.38 -0.98 -19.14
CA VAL A 666 -13.48 -0.47 -18.12
C VAL A 666 -13.27 1.03 -18.43
N GLU A 667 -14.27 1.81 -18.11
CA GLU A 667 -14.34 3.21 -18.44
C GLU A 667 -15.01 3.88 -17.27
N HIS A 668 -14.51 5.05 -16.90
CA HIS A 668 -14.88 5.66 -15.62
C HIS A 668 -16.38 5.89 -15.42
N GLU A 669 -17.12 6.31 -16.44
CA GLU A 669 -18.60 6.49 -16.27
CA GLU A 669 -18.60 6.48 -16.28
C GLU A 669 -19.29 5.13 -16.05
N ASP A 670 -18.86 4.10 -16.80
CA ASP A 670 -19.43 2.79 -16.64
C ASP A 670 -19.12 2.14 -15.29
N ILE A 671 -17.89 2.31 -14.86
CA ILE A 671 -17.49 1.80 -13.54
C ILE A 671 -18.34 2.46 -12.45
N ALA A 672 -18.53 3.75 -12.54
CA ALA A 672 -19.23 4.51 -11.54
C ALA A 672 -20.68 4.05 -11.40
N LYS A 673 -21.37 3.88 -12.56
CA LYS A 673 -22.71 3.32 -12.52
C LYS A 673 -22.81 1.95 -11.97
N ARG A 674 -21.86 1.07 -12.31
CA ARG A 674 -21.84 -0.30 -11.84
C ARG A 674 -21.53 -0.35 -10.33
N THR A 675 -20.66 0.57 -9.88
CA THR A 675 -20.31 0.61 -8.44
C THR A 675 -21.60 1.03 -7.63
N LEU A 676 -22.34 1.97 -8.16
CA LEU A 676 -23.61 2.37 -7.55
C LEU A 676 -24.64 1.25 -7.56
N ARG A 677 -24.80 0.63 -8.73
CA ARG A 677 -25.72 -0.47 -8.86
C ARG A 677 -25.42 -1.57 -7.86
N ASN A 678 -24.14 -1.95 -7.73
CA ASN A 678 -23.78 -2.95 -6.77
C ASN A 678 -23.87 -2.56 -5.30
N ALA A 679 -23.76 -1.29 -5.00
CA ALA A 679 -23.96 -0.81 -3.65
C ALA A 679 -25.43 -0.98 -3.35
N CYS A 680 -26.29 -0.68 -4.33
CA CYS A 680 -27.75 -0.90 -4.18
C CYS A 680 -28.03 -2.36 -3.96
N LEU A 681 -27.41 -3.23 -4.74
CA LEU A 681 -27.66 -4.62 -4.56
C LEU A 681 -27.30 -5.10 -3.16
N ARG A 682 -26.18 -4.60 -2.63
CA ARG A 682 -25.71 -5.06 -1.32
C ARG A 682 -26.74 -4.72 -0.23
N PHE A 683 -27.32 -3.52 -0.26
CA PHE A 683 -28.42 -3.22 0.64
C PHE A 683 -29.63 -4.14 0.38
N LEU A 684 -30.02 -4.32 -0.88
CA LEU A 684 -31.14 -5.14 -1.24
C LEU A 684 -30.99 -6.53 -0.74
N ALA A 685 -29.75 -7.04 -0.67
CA ALA A 685 -29.54 -8.41 -0.24
C ALA A 685 -29.96 -8.58 1.27
N PHE A 686 -29.89 -7.48 1.99
CA PHE A 686 -30.28 -7.42 3.44
C PHE A 686 -31.74 -6.99 3.65
N GLY A 687 -32.52 -6.91 2.60
CA GLY A 687 -33.96 -6.61 2.67
C GLY A 687 -34.77 -7.87 2.74
N GLU A 688 -35.99 -7.79 2.20
CA GLU A 688 -36.88 -8.96 2.15
C GLU A 688 -36.18 -10.13 1.47
N THR A 689 -36.15 -11.31 2.11
CA THR A 689 -35.33 -12.42 1.73
C THR A 689 -35.63 -13.04 0.39
N HIS A 690 -36.90 -13.22 0.04
CA HIS A 690 -37.22 -13.81 -1.26
C HIS A 690 -36.70 -12.94 -2.43
N LEU A 691 -37.00 -11.65 -2.39
CA LEU A 691 -36.60 -10.74 -3.42
C LEU A 691 -35.03 -10.69 -3.47
N ALA A 692 -34.38 -10.69 -2.29
CA ALA A 692 -32.92 -10.70 -2.16
C ALA A 692 -32.33 -11.87 -2.89
N ASP A 693 -32.88 -13.05 -2.61
CA ASP A 693 -32.33 -14.27 -3.14
C ASP A 693 -32.50 -14.29 -4.66
N VAL A 694 -33.61 -13.73 -5.14
CA VAL A 694 -33.87 -13.70 -6.56
C VAL A 694 -32.94 -12.72 -7.28
N LEU A 695 -32.85 -11.51 -6.77
CA LEU A 695 -31.94 -10.50 -7.35
C LEU A 695 -30.48 -10.98 -7.39
N VAL A 696 -30.03 -11.56 -6.27
CA VAL A 696 -28.63 -11.99 -6.16
C VAL A 696 -28.34 -13.17 -7.04
N SER A 697 -29.18 -14.20 -7.00
CA SER A 697 -28.97 -15.37 -7.84
CA SER A 697 -28.89 -15.38 -7.84
C SER A 697 -28.98 -15.03 -9.32
N LYS A 698 -29.90 -14.18 -9.68
CA LYS A 698 -30.02 -13.80 -11.05
C LYS A 698 -28.83 -12.96 -11.53
N GLN A 699 -28.41 -12.02 -10.69
CA GLN A 699 -27.21 -11.23 -11.08
C GLN A 699 -26.00 -12.17 -11.28
N PHE A 700 -25.81 -13.13 -10.38
CA PHE A 700 -24.67 -14.02 -10.44
C PHE A 700 -24.67 -14.77 -11.77
N HIS A 701 -25.82 -15.33 -12.13
CA HIS A 701 -25.98 -16.09 -13.35
C HIS A 701 -26.01 -15.28 -14.64
N GLU A 702 -26.55 -14.11 -14.64
CA GLU A 702 -26.59 -13.30 -15.84
C GLU A 702 -25.35 -12.41 -16.09
N ALA A 703 -24.54 -12.20 -15.05
CA ALA A 703 -23.39 -11.32 -15.13
C ALA A 703 -22.57 -11.68 -16.36
N ASN A 704 -22.20 -10.68 -17.11
CA ASN A 704 -21.24 -10.89 -18.18
C ASN A 704 -19.81 -10.44 -17.82
N ASN A 705 -19.49 -10.28 -16.53
CA ASN A 705 -18.17 -9.88 -16.12
C ASN A 705 -18.04 -10.21 -14.64
N MET A 706 -16.80 -10.31 -14.17
CA MET A 706 -16.55 -10.69 -12.78
C MET A 706 -16.97 -9.63 -11.78
N THR A 707 -17.01 -8.37 -12.11
CA THR A 707 -17.40 -7.36 -11.12
C THR A 707 -18.84 -7.63 -10.63
N ASP A 708 -19.73 -7.88 -11.59
CA ASP A 708 -21.14 -8.10 -11.24
C ASP A 708 -21.33 -9.49 -10.64
N ALA A 709 -20.59 -10.51 -11.10
CA ALA A 709 -20.74 -11.82 -10.54
C ALA A 709 -20.25 -11.85 -9.08
N LEU A 710 -19.08 -11.27 -8.85
CA LEU A 710 -18.55 -11.25 -7.49
C LEU A 710 -19.39 -10.37 -6.56
N ALA A 711 -19.96 -9.27 -7.04
CA ALA A 711 -20.80 -8.44 -6.17
C ALA A 711 -22.02 -9.26 -5.66
N ALA A 712 -22.55 -10.11 -6.54
CA ALA A 712 -23.65 -10.96 -6.20
C ALA A 712 -23.22 -12.05 -5.23
N LEU A 713 -22.18 -12.77 -5.55
CA LEU A 713 -21.67 -13.79 -4.68
C LEU A 713 -21.36 -13.26 -3.27
N SER A 714 -20.73 -12.10 -3.22
CA SER A 714 -20.31 -11.47 -2.00
C SER A 714 -21.56 -11.09 -1.15
N ALA A 715 -22.61 -10.61 -1.81
CA ALA A 715 -23.88 -10.26 -1.16
C ALA A 715 -24.58 -11.54 -0.62
N ALA A 716 -24.49 -12.62 -1.36
CA ALA A 716 -25.04 -13.87 -0.90
C ALA A 716 -24.37 -14.39 0.35
N VAL A 717 -23.04 -14.28 0.41
CA VAL A 717 -22.30 -14.61 1.62
C VAL A 717 -22.60 -13.66 2.77
N ALA A 718 -22.60 -12.36 2.51
CA ALA A 718 -22.75 -11.40 3.59
C ALA A 718 -24.10 -11.54 4.31
N ALA A 719 -25.13 -11.72 3.49
CA ALA A 719 -26.48 -11.78 4.00
C ALA A 719 -26.96 -13.21 4.23
N GLN A 720 -26.10 -14.22 4.03
CA GLN A 720 -26.38 -15.62 4.27
C GLN A 720 -27.65 -16.04 3.54
N LEU A 721 -27.76 -15.67 2.29
CA LEU A 721 -28.99 -15.93 1.54
C LEU A 721 -29.09 -17.42 1.17
N PRO A 722 -30.31 -17.88 0.84
CA PRO A 722 -30.49 -19.31 0.55
C PRO A 722 -29.60 -19.86 -0.60
N CYS A 723 -29.40 -19.02 -1.63
CA CYS A 723 -28.59 -19.39 -2.80
C CYS A 723 -27.09 -19.50 -2.53
N ARG A 724 -26.66 -19.11 -1.34
CA ARG A 724 -25.23 -18.94 -1.06
C ARG A 724 -24.42 -20.15 -1.39
N ASP A 725 -24.78 -21.30 -0.81
CA ASP A 725 -23.98 -22.50 -1.01
C ASP A 725 -23.88 -22.97 -2.46
N ALA A 726 -24.98 -22.87 -3.19
CA ALA A 726 -25.03 -23.29 -4.59
C ALA A 726 -24.08 -22.38 -5.41
N LEU A 727 -24.21 -21.05 -5.19
CA LEU A 727 -23.34 -20.09 -5.91
C LEU A 727 -21.87 -20.33 -5.57
N MET A 728 -21.56 -20.58 -4.31
CA MET A 728 -20.16 -20.75 -3.91
C MET A 728 -19.57 -22.00 -4.52
N GLN A 729 -20.39 -23.07 -4.55
CA GLN A 729 -19.95 -24.29 -5.12
C GLN A 729 -19.75 -24.16 -6.65
N GLU A 730 -20.64 -23.44 -7.32
CA GLU A 730 -20.48 -23.20 -8.76
C GLU A 730 -19.18 -22.48 -9.05
N TYR A 731 -18.87 -21.47 -8.24
CA TYR A 731 -17.64 -20.75 -8.42
C TYR A 731 -16.44 -21.61 -8.33
N ASP A 732 -16.36 -22.38 -7.26
CA ASP A 732 -15.29 -23.30 -7.07
C ASP A 732 -15.19 -24.26 -8.26
N ASP A 733 -16.31 -24.85 -8.65
CA ASP A 733 -16.22 -25.84 -9.77
C ASP A 733 -15.73 -25.17 -11.03
N LYS A 734 -16.11 -23.94 -11.27
CA LYS A 734 -15.66 -23.27 -12.49
C LYS A 734 -14.18 -22.83 -12.37
N TRP A 735 -13.76 -22.31 -11.20
CA TRP A 735 -12.50 -21.54 -11.15
C TRP A 735 -11.40 -22.15 -10.35
N HIS A 736 -11.55 -23.36 -9.82
CA HIS A 736 -10.53 -23.97 -8.94
C HIS A 736 -9.11 -24.06 -9.46
N GLN A 737 -8.93 -24.15 -10.77
CA GLN A 737 -7.60 -24.20 -11.31
C GLN A 737 -6.95 -22.84 -11.45
N ASN A 738 -7.67 -21.77 -11.13
CA ASN A 738 -7.16 -20.42 -11.26
C ASN A 738 -6.97 -19.76 -9.88
N GLY A 739 -5.74 -19.76 -9.40
CA GLY A 739 -5.46 -19.29 -8.06
C GLY A 739 -5.91 -17.86 -7.80
N LEU A 740 -5.61 -16.93 -8.73
CA LEU A 740 -5.99 -15.57 -8.51
C LEU A 740 -7.47 -15.40 -8.42
N VAL A 741 -8.25 -16.15 -9.21
CA VAL A 741 -9.68 -16.07 -9.15
C VAL A 741 -10.19 -16.69 -7.86
N MET A 742 -9.56 -17.81 -7.45
CA MET A 742 -9.92 -18.44 -6.20
C MET A 742 -9.61 -17.57 -4.96
N ASP A 743 -8.63 -16.67 -5.01
CA ASP A 743 -8.35 -15.78 -3.90
C ASP A 743 -9.59 -15.04 -3.55
N LYS A 744 -10.38 -14.62 -4.55
CA LYS A 744 -11.61 -13.89 -4.23
C LYS A 744 -12.61 -14.69 -3.37
N TRP A 745 -12.71 -15.93 -3.70
CA TRP A 745 -13.59 -16.93 -3.05
C TRP A 745 -13.06 -17.25 -1.65
N PHE A 746 -11.75 -17.43 -1.53
CA PHE A 746 -11.14 -17.61 -0.18
C PHE A 746 -11.44 -16.43 0.70
N ILE A 747 -11.33 -15.22 0.17
CA ILE A 747 -11.66 -14.03 0.95
C ILE A 747 -13.12 -14.05 1.44
N LEU A 748 -14.05 -14.40 0.54
CA LEU A 748 -15.46 -14.51 0.94
C LEU A 748 -15.67 -15.56 2.04
N GLN A 749 -14.99 -16.69 1.94
CA GLN A 749 -15.08 -17.73 2.93
C GLN A 749 -14.55 -17.23 4.26
N ALA A 750 -13.37 -16.59 4.22
CA ALA A 750 -12.68 -16.09 5.45
C ALA A 750 -13.41 -14.98 6.15
N THR A 751 -14.19 -14.17 5.40
CA THR A 751 -14.88 -13.01 5.92
C THR A 751 -16.40 -13.29 6.17
N SER A 752 -16.80 -14.54 6.07
CA SER A 752 -18.18 -14.88 6.10
C SER A 752 -18.74 -14.62 7.53
N PRO A 753 -19.96 -14.13 7.63
CA PRO A 753 -20.51 -13.94 8.98
C PRO A 753 -21.07 -15.26 9.56
N ALA A 754 -21.02 -16.36 8.84
CA ALA A 754 -21.58 -17.61 9.34
C ALA A 754 -20.95 -18.01 10.68
N ALA A 755 -21.77 -18.69 11.48
CA ALA A 755 -21.33 -19.10 12.82
C ALA A 755 -20.16 -20.08 12.79
N ASN A 756 -20.06 -20.91 11.77
CA ASN A 756 -18.99 -21.92 11.75
C ASN A 756 -17.77 -21.52 10.85
N VAL A 757 -17.57 -20.22 10.70
CA VAL A 757 -16.56 -19.71 9.74
C VAL A 757 -15.17 -20.21 10.04
N LEU A 758 -14.70 -20.18 11.29
CA LEU A 758 -13.40 -20.75 11.59
C LEU A 758 -13.23 -22.21 11.17
N GLU A 759 -14.22 -23.02 11.46
CA GLU A 759 -14.17 -24.40 11.10
C GLU A 759 -14.07 -24.52 9.57
N THR A 760 -14.84 -23.73 8.84
CA THR A 760 -14.72 -23.79 7.37
C THR A 760 -13.33 -23.35 6.87
N VAL A 761 -12.84 -22.25 7.44
CA VAL A 761 -11.46 -21.76 7.13
C VAL A 761 -10.39 -22.82 7.40
N ARG A 762 -10.43 -23.46 8.58
CA ARG A 762 -9.48 -24.59 8.82
C ARG A 762 -9.56 -25.69 7.80
N GLY A 763 -10.78 -26.05 7.45
CA GLY A 763 -11.02 -27.07 6.39
C GLY A 763 -10.43 -26.67 5.03
N LEU A 764 -10.54 -25.37 4.69
CA LEU A 764 -10.01 -24.86 3.42
C LEU A 764 -8.49 -24.90 3.35
N LEU A 765 -7.78 -25.09 4.46
CA LEU A 765 -6.37 -25.38 4.38
C LEU A 765 -6.06 -26.64 3.53
N GLN A 766 -7.04 -27.50 3.35
CA GLN A 766 -6.88 -28.68 2.48
C GLN A 766 -7.52 -28.48 1.15
N HIS A 767 -8.03 -27.31 0.84
CA HIS A 767 -8.71 -27.15 -0.42
C HIS A 767 -7.73 -27.32 -1.59
N ARG A 768 -8.22 -27.87 -2.71
CA ARG A 768 -7.40 -28.10 -3.89
C ARG A 768 -6.75 -26.82 -4.44
N SER A 769 -7.35 -25.67 -4.24
CA SER A 769 -6.76 -24.41 -4.66
C SER A 769 -5.86 -23.70 -3.64
N PHE A 770 -5.75 -24.24 -2.41
CA PHE A 770 -4.95 -23.60 -1.36
C PHE A 770 -3.57 -24.16 -1.26
N THR A 771 -2.57 -23.34 -1.03
CA THR A 771 -1.31 -23.90 -0.59
C THR A 771 -0.56 -22.96 0.27
N MET A 772 0.12 -23.50 1.29
CA MET A 772 0.90 -22.67 2.20
C MET A 772 2.16 -22.14 1.52
N SER A 773 2.55 -22.68 0.36
CA SER A 773 3.74 -22.17 -0.33
C SER A 773 3.49 -20.84 -1.09
N ASN A 774 2.23 -20.41 -1.18
CA ASN A 774 1.92 -19.24 -2.01
C ASN A 774 1.40 -18.07 -1.15
N PRO A 775 2.10 -16.92 -1.16
CA PRO A 775 1.69 -15.80 -0.33
C PRO A 775 0.32 -15.31 -0.66
N ASN A 776 -0.08 -15.36 -1.92
CA ASN A 776 -1.42 -14.84 -2.27
C ASN A 776 -2.52 -15.71 -1.60
N ARG A 777 -2.37 -17.03 -1.71
CA ARG A 777 -3.36 -17.94 -1.11
C ARG A 777 -3.42 -17.71 0.42
N ILE A 778 -2.24 -17.57 1.02
CA ILE A 778 -2.11 -17.38 2.45
C ILE A 778 -2.84 -16.10 2.87
N ARG A 779 -2.58 -15.01 2.16
CA ARG A 779 -3.25 -13.77 2.48
C ARG A 779 -4.73 -13.80 2.28
N SER A 780 -5.17 -14.51 1.23
CA SER A 780 -6.60 -14.55 0.88
C SER A 780 -7.45 -15.37 1.84
N LEU A 781 -6.85 -16.37 2.48
CA LEU A 781 -7.57 -17.26 3.43
C LEU A 781 -7.25 -16.89 4.86
N ILE A 782 -5.99 -17.01 5.25
CA ILE A 782 -5.57 -16.77 6.60
C ILE A 782 -5.58 -15.28 6.95
N GLY A 783 -4.95 -14.50 6.11
CA GLY A 783 -4.88 -13.09 6.37
C GLY A 783 -6.23 -12.41 6.36
N ALA A 784 -7.09 -12.79 5.44
CA ALA A 784 -8.40 -12.22 5.40
C ALA A 784 -9.21 -12.59 6.65
N PHE A 785 -9.05 -13.79 7.13
CA PHE A 785 -9.74 -14.20 8.37
C PHE A 785 -9.32 -13.31 9.55
N ALA A 786 -8.03 -13.25 9.79
CA ALA A 786 -7.47 -12.57 10.96
C ALA A 786 -7.67 -11.03 10.89
N GLY A 787 -7.47 -10.50 9.68
CA GLY A 787 -7.57 -9.05 9.43
C GLY A 787 -8.91 -8.50 9.09
N SER A 788 -9.68 -9.25 8.35
CA SER A 788 -10.91 -8.75 7.83
C SER A 788 -12.10 -9.44 8.36
N ASN A 789 -11.97 -10.39 9.29
CA ASN A 789 -13.16 -10.89 9.98
C ASN A 789 -12.98 -10.71 11.51
N PRO A 790 -12.94 -9.45 11.98
CA PRO A 790 -12.53 -9.26 13.38
C PRO A 790 -13.53 -9.86 14.35
N ALA A 791 -14.76 -9.96 13.97
CA ALA A 791 -15.73 -10.64 14.85
C ALA A 791 -15.47 -12.10 15.11
N ALA A 792 -14.97 -12.79 14.10
CA ALA A 792 -14.61 -14.18 14.22
C ALA A 792 -13.20 -14.34 14.79
N PHE A 793 -12.29 -13.50 14.35
CA PHE A 793 -10.93 -13.60 14.80
C PHE A 793 -10.92 -13.38 16.31
N HIS A 794 -11.77 -12.43 16.73
CA HIS A 794 -11.88 -12.05 18.13
C HIS A 794 -13.01 -12.78 18.87
N ALA A 795 -13.39 -13.95 18.41
CA ALA A 795 -14.26 -14.84 19.15
C ALA A 795 -13.79 -14.94 20.61
N GLU A 796 -14.75 -14.77 21.48
CA GLU A 796 -14.47 -14.73 22.95
C GLU A 796 -13.76 -15.93 23.52
N ASP A 797 -13.95 -17.08 22.92
CA ASP A 797 -13.21 -18.26 23.34
C ASP A 797 -11.74 -18.26 22.90
N GLY A 798 -11.23 -17.25 22.15
CA GLY A 798 -9.78 -17.29 21.80
C GLY A 798 -9.40 -18.22 20.64
N SER A 799 -10.39 -18.89 20.04
CA SER A 799 -10.15 -19.81 18.96
C SER A 799 -9.47 -19.15 17.70
N GLY A 800 -9.80 -17.90 17.42
CA GLY A 800 -9.20 -17.20 16.28
C GLY A 800 -7.73 -16.95 16.57
N TYR A 801 -7.42 -16.60 17.83
CA TYR A 801 -6.01 -16.41 18.21
C TYR A 801 -5.19 -17.66 18.08
N LEU A 802 -5.76 -18.79 18.56
CA LEU A 802 -5.09 -20.04 18.50
C LEU A 802 -4.84 -20.51 17.07
N PHE A 803 -5.83 -20.36 16.23
CA PHE A 803 -5.66 -20.61 14.84
C PHE A 803 -4.48 -19.82 14.24
N LEU A 804 -4.44 -18.51 14.48
CA LEU A 804 -3.37 -17.71 13.95
C LEU A 804 -1.99 -18.15 14.50
N VAL A 805 -1.90 -18.48 15.81
CA VAL A 805 -0.64 -18.99 16.38
C VAL A 805 -0.22 -20.24 15.57
N GLU A 806 -1.14 -21.16 15.32
CA GLU A 806 -0.77 -22.32 14.59
C GLU A 806 -0.21 -21.96 13.19
N MET A 807 -0.88 -21.08 12.50
CA MET A 807 -0.44 -20.72 11.12
C MET A 807 0.94 -20.05 11.17
N LEU A 808 1.11 -19.20 12.17
CA LEU A 808 2.32 -18.43 12.28
C LEU A 808 3.49 -19.28 12.72
N THR A 809 3.20 -20.35 13.45
CA THR A 809 4.26 -21.32 13.81
C THR A 809 4.89 -21.96 12.54
N ASP A 810 4.05 -22.22 11.54
CA ASP A 810 4.57 -22.64 10.23
C ASP A 810 5.28 -21.50 9.54
N LEU A 811 4.60 -20.39 9.41
CA LEU A 811 5.09 -19.28 8.54
C LEU A 811 6.35 -18.63 9.07
N ASN A 812 6.56 -18.67 10.40
CA ASN A 812 7.82 -18.20 10.97
C ASN A 812 9.04 -18.86 10.38
N SER A 813 8.96 -20.15 10.10
CA SER A 813 10.06 -20.88 9.49
C SER A 813 10.00 -20.80 7.96
N ARG A 814 8.81 -20.78 7.39
CA ARG A 814 8.67 -20.85 5.93
C ARG A 814 8.93 -19.46 5.23
N ASN A 815 8.34 -18.40 5.75
CA ASN A 815 8.30 -17.13 5.02
C ASN A 815 7.99 -16.07 6.06
N PRO A 816 9.03 -15.58 6.71
CA PRO A 816 8.81 -14.66 7.79
C PRO A 816 8.16 -13.35 7.40
N GLN A 817 8.42 -12.90 6.20
CA GLN A 817 7.79 -11.67 5.75
C GLN A 817 6.27 -11.78 5.74
N VAL A 818 5.77 -12.89 5.23
CA VAL A 818 4.32 -13.12 5.24
C VAL A 818 3.80 -13.32 6.67
N ALA A 819 4.58 -14.03 7.47
CA ALA A 819 4.26 -14.21 8.93
C ALA A 819 4.06 -12.87 9.62
N SER A 820 4.98 -11.93 9.33
CA SER A 820 4.93 -10.62 9.96
C SER A 820 3.76 -9.77 9.52
N ARG A 821 3.38 -9.89 8.27
CA ARG A 821 2.12 -9.28 7.81
C ARG A 821 0.90 -9.85 8.57
N LEU A 822 0.89 -11.18 8.72
CA LEU A 822 -0.24 -11.85 9.33
C LEU A 822 -0.34 -11.67 10.84
N ILE A 823 0.74 -11.37 11.55
CA ILE A 823 0.68 -11.20 13.00
C ILE A 823 0.06 -9.88 13.42
N GLU A 824 -0.06 -8.96 12.47
CA GLU A 824 -0.45 -7.62 12.80
C GLU A 824 -1.75 -7.52 13.66
N PRO A 825 -2.78 -8.30 13.32
CA PRO A 825 -4.03 -8.19 14.14
C PRO A 825 -3.82 -8.51 15.64
N LEU A 826 -2.82 -9.34 15.94
CA LEU A 826 -2.56 -9.72 17.31
C LEU A 826 -1.79 -8.71 18.06
N ILE A 827 -1.01 -7.91 17.36
CA ILE A 827 -0.27 -6.86 18.06
C ILE A 827 -1.13 -5.63 18.44
N ARG A 828 -2.39 -5.63 18.03
CA ARG A 828 -3.33 -4.61 18.44
C ARG A 828 -4.07 -4.87 19.76
N LEU A 829 -3.54 -5.78 20.56
CA LEU A 829 -4.20 -6.23 21.75
C LEU A 829 -4.64 -5.13 22.73
N LYS A 830 -3.92 -4.03 22.79
CA LYS A 830 -4.28 -2.99 23.76
C LYS A 830 -5.53 -2.25 23.41
N ARG A 831 -6.07 -2.48 22.21
CA ARG A 831 -7.29 -1.78 21.82
CA ARG A 831 -7.29 -1.82 21.77
C ARG A 831 -8.53 -2.53 22.26
N TYR A 832 -8.36 -3.73 22.82
CA TYR A 832 -9.45 -4.64 23.16
C TYR A 832 -9.70 -4.71 24.68
N ASP A 833 -10.75 -5.40 25.06
CA ASP A 833 -11.15 -5.50 26.49
C ASP A 833 -10.16 -6.41 27.20
N ALA A 834 -10.13 -6.30 28.50
CA ALA A 834 -9.13 -7.07 29.33
C ALA A 834 -9.06 -8.56 29.10
N LYS A 835 -10.19 -9.22 28.93
CA LYS A 835 -10.21 -10.63 28.75
C LYS A 835 -9.59 -11.01 27.36
N ARG A 836 -9.92 -10.25 26.33
CA ARG A 836 -9.29 -10.48 25.00
C ARG A 836 -7.84 -10.15 25.05
N GLN A 837 -7.46 -9.05 25.73
CA GLN A 837 -6.03 -8.83 25.90
C GLN A 837 -5.26 -9.96 26.47
N GLU A 838 -5.79 -10.54 27.54
CA GLU A 838 -5.20 -11.69 28.25
CA GLU A 838 -5.06 -11.60 28.22
C GLU A 838 -4.90 -12.77 27.24
N LYS A 839 -5.93 -13.08 26.45
CA LYS A 839 -5.77 -14.21 25.53
C LYS A 839 -4.77 -13.91 24.38
N MET A 840 -4.84 -12.70 23.85
CA MET A 840 -3.91 -12.29 22.78
C MET A 840 -2.47 -12.26 23.31
N ARG A 841 -2.29 -11.80 24.55
CA ARG A 841 -0.94 -11.75 25.16
CA ARG A 841 -0.97 -11.72 25.19
C ARG A 841 -0.40 -13.14 25.30
N ALA A 842 -1.24 -14.06 25.73
CA ALA A 842 -0.80 -15.45 25.85
C ALA A 842 -0.42 -16.08 24.45
N ALA A 843 -1.20 -15.74 23.41
CA ALA A 843 -0.81 -16.13 22.05
C ALA A 843 0.53 -15.55 21.68
N LEU A 844 0.70 -14.30 21.92
CA LEU A 844 2.00 -13.71 21.60
C LEU A 844 3.15 -14.31 22.41
N GLU A 845 2.88 -14.64 23.67
CA GLU A 845 3.94 -15.29 24.49
C GLU A 845 4.31 -16.68 23.96
N GLN A 846 3.32 -17.38 23.48
CA GLN A 846 3.55 -18.63 22.85
C GLN A 846 4.50 -18.49 21.61
N LEU A 847 4.22 -17.53 20.77
CA LEU A 847 5.06 -17.29 19.59
C LEU A 847 6.42 -16.82 19.95
N LYS A 848 6.52 -15.97 20.98
CA LYS A 848 7.81 -15.50 21.47
C LYS A 848 8.71 -16.68 21.80
N GLY A 849 8.15 -17.80 22.25
CA GLY A 849 8.96 -18.95 22.57
C GLY A 849 9.29 -19.91 21.45
N LEU A 850 8.99 -19.57 20.20
CA LEU A 850 9.30 -20.46 19.10
C LEU A 850 10.79 -20.60 19.04
N GLU A 851 11.21 -21.80 18.74
CA GLU A 851 12.57 -21.97 18.30
C GLU A 851 12.73 -21.34 16.90
N ASN A 852 13.86 -20.77 16.74
CA ASN A 852 14.20 -20.12 15.51
C ASN A 852 13.17 -19.01 15.21
N LEU A 853 12.85 -18.20 16.21
CA LEU A 853 11.99 -17.06 15.99
C LEU A 853 12.66 -16.11 15.03
N SER A 854 11.97 -15.71 13.97
CA SER A 854 12.51 -14.80 13.05
C SER A 854 12.60 -13.41 13.65
N GLY A 855 13.57 -12.65 13.14
CA GLY A 855 13.72 -11.23 13.50
C GLY A 855 12.45 -10.46 13.21
N ASP A 856 11.80 -10.82 12.11
CA ASP A 856 10.57 -10.09 11.66
C ASP A 856 9.50 -10.15 12.74
N LEU A 857 9.23 -11.38 13.18
CA LEU A 857 8.26 -11.57 14.29
C LEU A 857 8.76 -11.09 15.66
N TYR A 858 10.03 -11.32 15.93
CA TYR A 858 10.60 -10.89 17.21
C TYR A 858 10.38 -9.39 17.45
N GLU A 859 10.65 -8.59 16.41
CA GLU A 859 10.44 -7.15 16.55
C GLU A 859 9.03 -6.80 16.95
N LYS A 860 8.06 -7.40 16.26
CA LYS A 860 6.66 -7.03 16.52
C LYS A 860 6.18 -7.58 17.87
N ILE A 861 6.55 -8.79 18.17
CA ILE A 861 6.13 -9.43 19.43
C ILE A 861 6.72 -8.67 20.65
N THR A 862 7.99 -8.35 20.61
CA THR A 862 8.56 -7.64 21.77
C THR A 862 7.96 -6.25 21.97
N LYS A 863 7.68 -5.53 20.89
CA LYS A 863 7.01 -4.25 21.04
C LYS A 863 5.58 -4.47 21.61
N ALA A 864 4.85 -5.47 21.14
CA ALA A 864 3.48 -5.66 21.56
C ALA A 864 3.43 -6.01 23.04
N LEU A 865 4.39 -6.78 23.51
CA LEU A 865 4.38 -7.27 24.92
C LEU A 865 4.98 -6.29 25.94
N ALA A 866 5.61 -5.23 25.49
CA ALA A 866 6.26 -4.29 26.35
C ALA A 866 5.23 -3.47 27.11
#